data_8G3J
#
_entry.id   8G3J
#
_cell.length_a   105.117
_cell.length_b   105.278
_cell.length_c   106.904
_cell.angle_alpha   90.00
_cell.angle_beta   90.00
_cell.angle_gamma   90.00
#
_symmetry.space_group_name_H-M   'P 21 21 21'
#
loop_
_entity.id
_entity.type
_entity.pdbx_description
1 polymer 'PCP-C didomain'
2 non-polymer N~3~-[(2R)-2-hydroxy-3,3-dimethyl-4-(phosphonooxy)butanoyl]-N-{2-[(2-hydroxyethyl)sulfanyl]ethyl}-beta-alaninamide
3 water water
#
_entity_poly.entity_id   1
_entity_poly.type   'polypeptide(L)'
_entity_poly.pdbx_seq_one_letter_code
;VTAYEEIVCQVFAAVLDRSDVTADADFFALGGHSLLSLRVVARLRALLGVDVGVRDLFEAPTPAALAARLTTQTGRRPAV
TRRGPDAPPVLSHFQRGLWLIEQVYQTRGAYNVPLAVHVSDRLDLDVLRAAVRDLVARHEVLRTLVRSSDDGPDPVLLAP
EDAAVDVAEVQAAGPVADLLAELTAQPFDLATQIPLRVRMITGEQVDGCVLLLVCHHIAADEWSFAPLLRDLDTAYRARA
AGRAPDWEPLPAQYSDYAATLHDWLGEATDPASPLRRQLDYWQHALQDLPDELDLPTDRPRPATASHRGGLARAELPPEL
VEAVRRLAAQHGVTVFMVVQAAVAVLLHRLGAGDDIPLGSPVADRADEAVHDTVGFFLNTLVLRVNLSGNPTFADLLDRV
RAVDLEAFARADAPFDAVVDTVKPPRAVSRHPLFQTMVSYQRRPSDVDRLFGAATRLVEVPLDTAKFDLEFAFIEDGHGG
AHIALNYAADLFDHDSAEQLVARLRTVLEHACADPCRPVAGVEVVSGA
;
_entity_poly.pdbx_strand_id   A,B
#
loop_
_chem_comp.id
_chem_comp.type
_chem_comp.name
_chem_comp.formula
YJI non-polymer N~3~-[(2R)-2-hydroxy-3,3-dimethyl-4-(phosphonooxy)butanoyl]-N-{2-[(2-hydroxyethyl)sulfanyl]ethyl}-beta-alaninamide 'C13 H27 N2 O8 P S'
#
# COMPACT_ATOMS: atom_id res chain seq x y z
N VAL A 1 -2.35 3.71 -17.08
CA VAL A 1 -1.12 2.96 -17.29
C VAL A 1 -1.36 1.90 -18.38
N THR A 2 -0.50 1.91 -19.41
CA THR A 2 -0.69 0.98 -20.51
C THR A 2 -0.17 -0.42 -20.22
N ALA A 3 0.69 -0.60 -19.21
CA ALA A 3 1.27 -1.94 -19.00
C ALA A 3 0.24 -2.94 -18.50
N TYR A 4 -0.74 -2.51 -17.72
CA TYR A 4 -1.83 -3.44 -17.42
C TYR A 4 -2.53 -3.86 -18.71
N GLU A 5 -2.87 -2.88 -19.55
CA GLU A 5 -3.52 -3.20 -20.82
C GLU A 5 -2.73 -4.27 -21.57
N GLU A 6 -1.40 -4.09 -21.67
CA GLU A 6 -0.62 -5.03 -22.46
C GLU A 6 -0.48 -6.39 -21.78
N ILE A 7 -0.46 -6.43 -20.45
CA ILE A 7 -0.40 -7.74 -19.81
C ILE A 7 -1.72 -8.48 -19.96
N VAL A 8 -2.85 -7.75 -19.88
CA VAL A 8 -4.15 -8.40 -20.10
C VAL A 8 -4.20 -9.01 -21.50
N CYS A 9 -3.83 -8.21 -22.52
CA CYS A 9 -3.74 -8.71 -23.90
C CYS A 9 -2.89 -9.97 -23.98
N GLN A 10 -1.70 -9.91 -23.39
CA GLN A 10 -0.81 -11.05 -23.33
C GLN A 10 -1.50 -12.28 -22.77
N VAL A 11 -2.42 -12.09 -21.84
CA VAL A 11 -3.06 -13.24 -21.19
C VAL A 11 -4.26 -13.73 -21.98
N PHE A 12 -5.13 -12.82 -22.46
CA PHE A 12 -6.18 -13.23 -23.39
C PHE A 12 -5.60 -14.08 -24.51
N ALA A 13 -4.55 -13.57 -25.16
CA ALA A 13 -4.01 -14.24 -26.34
C ALA A 13 -3.49 -15.64 -26.01
N ALA A 14 -2.88 -15.81 -24.82
CA ALA A 14 -2.36 -17.13 -24.48
C ALA A 14 -3.48 -18.13 -24.21
N VAL A 15 -4.51 -17.72 -23.46
CA VAL A 15 -5.54 -18.70 -23.08
C VAL A 15 -6.50 -18.98 -24.24
N LEU A 16 -6.80 -17.97 -25.07
CA LEU A 16 -7.62 -18.22 -26.26
C LEU A 16 -6.81 -18.71 -27.45
N ASP A 17 -5.48 -18.78 -27.32
CA ASP A 17 -4.60 -19.22 -28.41
C ASP A 17 -4.86 -18.45 -29.71
N ARG A 18 -4.87 -17.12 -29.59
CA ARG A 18 -5.14 -16.22 -30.71
C ARG A 18 -4.11 -15.09 -30.72
N SER A 19 -3.49 -14.87 -31.87
CA SER A 19 -2.50 -13.81 -32.01
C SER A 19 -3.11 -12.45 -32.38
N ASP A 20 -4.44 -12.32 -32.36
CA ASP A 20 -5.13 -11.14 -32.87
C ASP A 20 -5.77 -10.30 -31.77
N VAL A 21 -5.38 -10.49 -30.51
CA VAL A 21 -6.01 -9.73 -29.43
C VAL A 21 -5.53 -8.29 -29.47
N THR A 22 -6.46 -7.36 -29.28
CA THR A 22 -6.20 -5.93 -29.23
C THR A 22 -6.95 -5.34 -28.04
N ALA A 23 -6.56 -4.13 -27.67
CA ALA A 23 -7.07 -3.51 -26.45
C ALA A 23 -8.60 -3.48 -26.40
N ASP A 24 -9.27 -3.59 -27.53
CA ASP A 24 -10.73 -3.48 -27.55
C ASP A 24 -11.42 -4.80 -27.91
N ALA A 25 -10.71 -5.92 -27.87
CA ALA A 25 -11.29 -7.21 -28.23
C ALA A 25 -12.02 -7.82 -27.03
N ASP A 26 -13.32 -8.10 -27.21
CA ASP A 26 -14.15 -8.76 -26.20
C ASP A 26 -13.66 -10.18 -25.95
N PHE A 27 -13.40 -10.51 -24.68
CA PHE A 27 -12.97 -11.86 -24.33
C PHE A 27 -13.91 -12.92 -24.89
N PHE A 28 -15.22 -12.68 -24.80
CA PHE A 28 -16.19 -13.67 -25.25
C PHE A 28 -16.32 -13.71 -26.76
N ALA A 29 -16.35 -12.53 -27.41
CA ALA A 29 -16.29 -12.48 -28.87
C ALA A 29 -15.09 -13.25 -29.42
N LEU A 30 -13.97 -13.21 -28.70
CA LEU A 30 -12.76 -13.91 -29.15
C LEU A 30 -12.85 -15.42 -28.98
N GLY A 31 -13.98 -15.94 -28.50
CA GLY A 31 -14.12 -17.36 -28.24
C GLY A 31 -13.92 -17.78 -26.80
N GLY A 32 -14.03 -16.85 -25.84
CA GLY A 32 -13.95 -17.18 -24.44
C GLY A 32 -15.33 -17.35 -23.81
N HIS A 33 -15.34 -17.97 -22.64
CA HIS A 33 -16.57 -18.32 -21.96
C HIS A 33 -16.25 -18.53 -20.48
N SER A 34 -17.26 -18.97 -19.71
CA SER A 34 -17.05 -19.17 -18.27
C SER A 34 -15.85 -20.06 -17.98
N LEU A 35 -15.77 -21.21 -18.63
CA LEU A 35 -14.69 -22.13 -18.34
C LEU A 35 -13.33 -21.46 -18.53
N LEU A 36 -13.08 -20.90 -19.72
CA LEU A 36 -11.79 -20.27 -19.98
C LEU A 36 -11.57 -19.03 -19.12
N SER A 37 -12.66 -18.40 -18.68
CA SER A 37 -12.58 -17.18 -17.85
C SER A 37 -11.71 -17.45 -16.61
N LEU A 38 -11.86 -18.65 -16.06
CA LEU A 38 -11.08 -19.01 -14.88
C LEU A 38 -9.57 -19.05 -15.15
N ARG A 39 -9.17 -19.36 -16.39
CA ARG A 39 -7.73 -19.39 -16.66
C ARG A 39 -7.16 -17.98 -16.81
N VAL A 40 -7.93 -17.07 -17.40
CA VAL A 40 -7.53 -15.66 -17.45
C VAL A 40 -7.36 -15.12 -16.02
N VAL A 41 -8.37 -15.31 -15.19
CA VAL A 41 -8.32 -14.78 -13.83
C VAL A 41 -7.14 -15.36 -13.07
N ALA A 42 -6.89 -16.66 -13.24
CA ALA A 42 -5.75 -17.28 -12.56
C ALA A 42 -4.46 -16.62 -12.99
N ARG A 43 -4.20 -16.57 -14.30
CA ARG A 43 -2.94 -16.05 -14.79
C ARG A 43 -2.77 -14.57 -14.41
N LEU A 44 -3.85 -13.79 -14.47
CA LEU A 44 -3.74 -12.39 -14.09
C LEU A 44 -3.41 -12.26 -12.60
N ARG A 45 -3.97 -13.15 -11.77
CA ARG A 45 -3.67 -13.13 -10.34
C ARG A 45 -2.18 -13.36 -10.09
N ALA A 46 -1.60 -14.37 -10.74
CA ALA A 46 -0.18 -14.69 -10.57
C ALA A 46 0.73 -13.57 -11.10
N LEU A 47 0.39 -13.00 -12.26
CA LEU A 47 1.23 -11.98 -12.87
C LEU A 47 1.13 -10.64 -12.14
N LEU A 48 -0.07 -10.09 -12.05
CA LEU A 48 -0.24 -8.76 -11.48
C LEU A 48 -0.28 -8.78 -9.95
N GLY A 49 -0.35 -9.96 -9.33
CA GLY A 49 -0.45 -10.06 -7.89
C GLY A 49 -1.59 -9.28 -7.27
N VAL A 50 -2.65 -9.03 -8.03
CA VAL A 50 -3.81 -8.30 -7.51
C VAL A 50 -5.00 -9.23 -7.51
N ASP A 51 -5.94 -8.94 -6.62
CA ASP A 51 -7.10 -9.82 -6.46
C ASP A 51 -8.05 -9.52 -7.60
N VAL A 52 -7.96 -10.32 -8.64
CA VAL A 52 -8.85 -10.23 -9.79
C VAL A 52 -9.79 -11.42 -9.72
N GLY A 53 -11.02 -11.21 -10.20
CA GLY A 53 -12.01 -12.25 -10.21
C GLY A 53 -12.77 -12.29 -11.52
N VAL A 54 -13.50 -13.40 -11.70
CA VAL A 54 -14.41 -13.51 -12.83
C VAL A 54 -15.37 -12.34 -12.86
N ARG A 55 -15.70 -11.77 -11.69
CA ARG A 55 -16.48 -10.54 -11.63
C ARG A 55 -15.91 -9.49 -12.58
N ASP A 56 -14.65 -9.12 -12.35
CA ASP A 56 -13.98 -8.11 -13.16
C ASP A 56 -13.93 -8.49 -14.63
N LEU A 57 -13.67 -9.76 -14.93
CA LEU A 57 -13.66 -10.20 -16.32
C LEU A 57 -15.03 -9.99 -16.96
N PHE A 58 -16.09 -10.46 -16.29
CA PHE A 58 -17.44 -10.30 -16.82
C PHE A 58 -17.78 -8.84 -17.03
N GLU A 59 -17.55 -8.02 -16.00
CA GLU A 59 -17.87 -6.60 -16.10
C GLU A 59 -16.98 -5.86 -17.10
N ALA A 60 -15.80 -6.40 -17.42
CA ALA A 60 -14.83 -5.72 -18.27
C ALA A 60 -14.16 -6.73 -19.19
N PRO A 61 -14.85 -7.16 -20.25
CA PRO A 61 -14.32 -8.25 -21.10
C PRO A 61 -13.32 -7.81 -22.16
N THR A 62 -12.92 -6.52 -22.21
CA THR A 62 -11.86 -6.08 -23.12
C THR A 62 -10.59 -5.72 -22.35
N PRO A 63 -9.41 -6.03 -22.88
CA PRO A 63 -8.18 -5.68 -22.13
C PRO A 63 -8.16 -4.24 -21.67
N ALA A 64 -8.52 -3.29 -22.54
CA ALA A 64 -8.60 -1.88 -22.12
C ALA A 64 -9.53 -1.73 -20.92
N ALA A 65 -10.77 -2.18 -21.06
CA ALA A 65 -11.73 -2.10 -19.95
C ALA A 65 -11.17 -2.77 -18.70
N LEU A 66 -10.69 -4.02 -18.84
CA LEU A 66 -10.16 -4.74 -17.70
C LEU A 66 -9.00 -3.99 -17.05
N ALA A 67 -8.04 -3.53 -17.86
CA ALA A 67 -6.94 -2.73 -17.34
C ALA A 67 -7.45 -1.55 -16.52
N ALA A 68 -8.35 -0.75 -17.10
CA ALA A 68 -8.86 0.44 -16.40
C ALA A 68 -9.57 0.06 -15.11
N ARG A 69 -10.16 -1.14 -15.07
CA ARG A 69 -10.83 -1.61 -13.86
C ARG A 69 -9.85 -1.77 -12.70
N LEU A 70 -8.58 -2.02 -12.99
CA LEU A 70 -7.57 -2.28 -11.96
C LEU A 70 -6.76 -1.03 -11.61
N ARG A 77 -11.81 6.37 -8.51
CA ARG A 77 -11.56 7.60 -9.27
C ARG A 77 -12.69 7.85 -10.25
N PRO A 78 -13.28 9.05 -10.20
CA PRO A 78 -14.48 9.28 -11.02
C PRO A 78 -14.15 9.29 -12.50
N ALA A 79 -15.11 8.81 -13.29
CA ALA A 79 -15.07 8.98 -14.73
C ALA A 79 -14.98 10.47 -15.08
N VAL A 80 -14.36 10.76 -16.22
CA VAL A 80 -14.28 12.15 -16.66
C VAL A 80 -15.67 12.65 -17.00
N THR A 81 -16.01 13.83 -16.52
CA THR A 81 -17.31 14.44 -16.78
C THR A 81 -17.12 15.60 -17.75
N ARG A 82 -17.84 15.55 -18.86
CA ARG A 82 -17.88 16.66 -19.81
C ARG A 82 -18.53 17.85 -19.13
N ARG A 83 -17.76 18.90 -18.88
CA ARG A 83 -18.30 20.10 -18.27
C ARG A 83 -19.14 20.87 -19.30
N GLY A 84 -19.73 21.98 -18.85
CA GLY A 84 -20.65 22.72 -19.69
C GLY A 84 -19.97 23.51 -20.77
N PRO A 85 -20.77 23.99 -21.73
CA PRO A 85 -20.20 24.80 -22.83
C PRO A 85 -19.54 26.06 -22.35
N ASP A 86 -19.98 26.62 -21.22
CA ASP A 86 -19.42 27.85 -20.71
C ASP A 86 -18.25 27.61 -19.75
N ALA A 87 -17.72 26.34 -19.64
CA ALA A 87 -16.69 26.04 -18.64
C ALA A 87 -15.34 26.63 -19.08
N PRO A 88 -14.59 27.22 -18.16
CA PRO A 88 -13.29 27.77 -18.53
C PRO A 88 -12.25 26.66 -18.70
N PRO A 89 -11.13 26.96 -19.34
CA PRO A 89 -10.11 25.92 -19.53
C PRO A 89 -9.36 25.62 -18.23
N VAL A 90 -8.82 24.40 -18.15
CA VAL A 90 -8.09 23.98 -16.95
C VAL A 90 -6.77 23.37 -17.39
N LEU A 91 -5.68 23.93 -16.90
CA LEU A 91 -4.34 23.39 -17.14
C LEU A 91 -4.14 22.18 -16.24
N SER A 92 -3.90 21.01 -16.82
CA SER A 92 -3.53 19.90 -15.93
C SER A 92 -2.18 20.21 -15.27
N HIS A 93 -1.90 19.53 -14.17
CA HIS A 93 -0.56 19.69 -13.60
C HIS A 93 0.53 19.13 -14.51
N PHE A 94 0.20 18.13 -15.34
CA PHE A 94 1.15 17.71 -16.38
C PHE A 94 1.53 18.89 -17.26
N GLN A 95 0.54 19.68 -17.69
CA GLN A 95 0.87 20.86 -18.48
C GLN A 95 1.59 21.93 -17.66
N ARG A 96 1.33 22.02 -16.36
CA ARG A 96 2.04 23.04 -15.59
C ARG A 96 3.50 22.65 -15.44
N GLY A 97 3.77 21.35 -15.25
CA GLY A 97 5.14 20.88 -15.21
C GLY A 97 5.88 21.13 -16.52
N LEU A 98 5.20 20.93 -17.66
CA LEU A 98 5.87 21.17 -18.94
C LEU A 98 6.18 22.64 -19.12
N TRP A 99 5.21 23.49 -18.81
CA TRP A 99 5.43 24.94 -18.85
C TRP A 99 6.57 25.36 -17.92
N LEU A 100 6.71 24.66 -16.80
CA LEU A 100 7.74 24.96 -15.82
C LEU A 100 9.12 24.58 -16.33
N ILE A 101 9.28 23.34 -16.79
CA ILE A 101 10.60 22.94 -17.27
C ILE A 101 11.09 23.91 -18.34
N GLU A 102 10.18 24.45 -19.14
CA GLU A 102 10.59 25.42 -20.15
C GLU A 102 11.06 26.71 -19.51
N GLN A 103 10.30 27.22 -18.55
CA GLN A 103 10.67 28.46 -17.89
C GLN A 103 12.01 28.33 -17.17
N VAL A 104 12.19 27.25 -16.41
CA VAL A 104 13.37 27.12 -15.53
C VAL A 104 14.61 26.56 -16.23
N TYR A 105 14.42 25.65 -17.18
CA TYR A 105 15.59 24.97 -17.81
C TYR A 105 15.85 25.45 -19.23
N GLN A 106 15.05 26.37 -19.78
CA GLN A 106 15.31 26.91 -21.13
C GLN A 106 15.50 25.96 -22.32
N THR A 107 14.49 25.16 -22.67
CA THR A 107 14.60 23.90 -23.46
C THR A 107 14.85 24.10 -24.96
N ARG A 108 14.55 25.28 -25.52
CA ARG A 108 14.90 25.60 -26.94
C ARG A 108 14.38 24.58 -27.97
N GLY A 109 13.11 24.19 -27.88
CA GLY A 109 12.51 23.29 -28.88
C GLY A 109 12.55 21.84 -28.49
N ALA A 110 13.24 21.53 -27.38
CA ALA A 110 13.42 20.13 -27.08
C ALA A 110 12.10 19.41 -26.78
N TYR A 111 11.11 20.14 -26.29
CA TYR A 111 9.81 19.58 -25.95
C TYR A 111 8.80 19.79 -27.07
N ASN A 112 9.26 20.03 -28.29
CA ASN A 112 8.38 20.01 -29.44
C ASN A 112 8.29 18.60 -29.95
N VAL A 113 7.09 18.18 -30.32
CA VAL A 113 6.90 16.79 -30.72
C VAL A 113 6.52 16.79 -32.19
N PRO A 114 7.30 16.14 -33.05
CA PRO A 114 7.02 16.13 -34.48
C PRO A 114 6.22 14.90 -34.87
N LEU A 115 5.44 15.05 -35.93
CA LEU A 115 4.76 13.93 -36.58
C LEU A 115 4.86 14.22 -38.06
N ALA A 116 5.64 13.43 -38.77
CA ALA A 116 5.86 13.67 -40.20
C ALA A 116 5.37 12.49 -41.01
N VAL A 117 4.66 12.80 -42.09
CA VAL A 117 4.04 11.79 -42.94
C VAL A 117 4.45 12.11 -44.36
N HIS A 118 5.07 11.16 -45.03
CA HIS A 118 5.23 11.28 -46.47
C HIS A 118 3.92 10.94 -47.16
N VAL A 119 3.59 11.77 -48.14
CA VAL A 119 2.33 11.71 -48.86
C VAL A 119 2.67 11.67 -50.35
N SER A 120 2.07 10.73 -51.08
CA SER A 120 2.46 10.53 -52.47
C SER A 120 2.00 11.67 -53.37
N ASP A 121 0.98 12.40 -52.95
CA ASP A 121 0.51 13.59 -53.64
C ASP A 121 0.87 14.85 -52.86
N ARG A 122 1.12 15.92 -53.61
CA ARG A 122 1.22 17.25 -53.01
C ARG A 122 -0.15 17.68 -52.51
N LEU A 123 -0.28 17.87 -51.20
CA LEU A 123 -1.57 18.30 -50.68
C LEU A 123 -1.88 19.72 -51.16
N ASP A 124 -3.17 20.03 -51.20
CA ASP A 124 -3.64 21.38 -51.47
C ASP A 124 -3.53 22.22 -50.19
N LEU A 125 -2.78 23.32 -50.26
CA LEU A 125 -2.45 24.08 -49.04
C LEU A 125 -3.68 24.77 -48.43
N ASP A 126 -4.57 25.31 -49.26
CA ASP A 126 -5.77 25.94 -48.71
C ASP A 126 -6.75 24.90 -48.15
N VAL A 127 -6.85 23.72 -48.77
CA VAL A 127 -7.63 22.63 -48.16
C VAL A 127 -7.00 22.22 -46.83
N LEU A 128 -5.68 22.06 -46.85
CA LEU A 128 -4.94 21.70 -45.65
C LEU A 128 -5.17 22.73 -44.53
N ARG A 129 -5.14 24.02 -44.88
CA ARG A 129 -5.38 25.05 -43.87
C ARG A 129 -6.80 24.96 -43.32
N ALA A 130 -7.78 24.75 -44.19
CA ALA A 130 -9.15 24.54 -43.72
C ALA A 130 -9.22 23.34 -42.79
N ALA A 131 -8.57 22.24 -43.17
CA ALA A 131 -8.65 21.04 -42.35
C ALA A 131 -8.01 21.26 -40.98
N VAL A 132 -6.95 22.05 -40.90
CA VAL A 132 -6.27 22.27 -39.61
C VAL A 132 -7.12 23.17 -38.71
N ARG A 133 -7.88 24.10 -39.27
CA ARG A 133 -8.84 24.87 -38.47
C ARG A 133 -9.90 23.96 -37.85
N ASP A 134 -10.41 22.99 -38.63
CA ASP A 134 -11.39 22.05 -38.10
C ASP A 134 -10.78 21.23 -36.96
N LEU A 135 -9.57 20.71 -37.18
CA LEU A 135 -8.87 19.94 -36.15
C LEU A 135 -8.76 20.75 -34.86
N VAL A 136 -8.34 22.00 -35.00
CA VAL A 136 -8.16 22.88 -33.85
C VAL A 136 -9.52 23.27 -33.24
N ALA A 137 -10.53 23.46 -34.09
CA ALA A 137 -11.89 23.68 -33.58
C ALA A 137 -12.37 22.50 -32.74
N ARG A 138 -12.05 21.27 -33.16
CA ARG A 138 -12.53 20.07 -32.46
C ARG A 138 -11.79 19.84 -31.14
N HIS A 139 -10.46 20.01 -31.12
CA HIS A 139 -9.61 19.72 -29.96
C HIS A 139 -9.20 21.05 -29.29
N GLU A 140 -9.88 21.40 -28.19
CA GLU A 140 -9.61 22.66 -27.49
C GLU A 140 -8.16 22.81 -27.03
N VAL A 141 -7.51 21.70 -26.68
CA VAL A 141 -6.13 21.75 -26.22
C VAL A 141 -5.24 22.40 -27.27
N LEU A 142 -5.60 22.27 -28.56
CA LEU A 142 -4.80 22.80 -29.65
C LEU A 142 -4.99 24.29 -29.90
N ARG A 143 -5.95 24.94 -29.24
CA ARG A 143 -6.12 26.38 -29.31
C ARG A 143 -6.14 27.01 -27.92
N THR A 144 -5.46 26.37 -26.97
CA THR A 144 -5.28 26.91 -25.62
C THR A 144 -3.88 27.52 -25.50
N LEU A 145 -3.82 28.85 -25.38
CA LEU A 145 -2.58 29.53 -25.03
C LEU A 145 -2.30 29.39 -23.54
N VAL A 146 -1.05 29.61 -23.16
CA VAL A 146 -0.67 29.64 -21.76
C VAL A 146 0.08 30.96 -21.52
N ARG A 147 -0.34 31.70 -20.50
CA ARG A 147 0.23 33.01 -20.21
C ARG A 147 0.72 33.05 -18.77
N SER A 148 1.82 33.76 -18.54
CA SER A 148 2.44 33.79 -17.22
C SER A 148 1.48 34.23 -16.11
N PRO A 153 0.97 30.67 -14.35
CA PRO A 153 0.53 30.04 -15.61
C PRO A 153 -1.01 29.97 -15.72
N ASP A 154 -1.54 30.61 -16.77
CA ASP A 154 -2.99 30.80 -16.95
C ASP A 154 -3.38 30.34 -18.34
N PRO A 155 -4.30 29.38 -18.47
CA PRO A 155 -4.76 28.99 -19.81
C PRO A 155 -5.66 30.08 -20.38
N VAL A 156 -5.60 30.26 -21.69
CA VAL A 156 -6.50 31.13 -22.42
C VAL A 156 -6.99 30.38 -23.63
N LEU A 157 -8.26 29.99 -23.62
CA LEU A 157 -8.84 29.23 -24.74
C LEU A 157 -9.23 30.20 -25.84
N LEU A 158 -8.53 30.16 -26.97
CA LEU A 158 -9.00 30.87 -28.15
C LEU A 158 -10.28 30.25 -28.66
N ALA A 159 -11.23 31.10 -29.05
CA ALA A 159 -12.38 30.59 -29.77
C ALA A 159 -11.93 30.20 -31.18
N PRO A 160 -12.68 29.33 -31.86
CA PRO A 160 -12.22 28.91 -33.20
C PRO A 160 -11.98 30.07 -34.15
N GLU A 161 -12.75 31.15 -34.02
CA GLU A 161 -12.60 32.31 -34.91
C GLU A 161 -11.29 33.05 -34.69
N ASP A 162 -10.80 33.09 -33.45
CA ASP A 162 -9.63 33.90 -33.11
C ASP A 162 -8.34 33.11 -33.14
N ALA A 163 -8.40 31.78 -33.24
CA ALA A 163 -7.19 30.95 -33.28
C ALA A 163 -6.65 30.97 -34.70
N ALA A 164 -5.57 31.72 -34.91
CA ALA A 164 -4.93 31.77 -36.21
C ALA A 164 -4.00 30.56 -36.35
N VAL A 165 -4.44 29.54 -37.08
CA VAL A 165 -3.57 28.42 -37.34
C VAL A 165 -2.36 28.84 -38.16
N ASP A 166 -1.24 28.15 -37.94
CA ASP A 166 0.03 28.37 -38.64
C ASP A 166 0.26 27.19 -39.58
N VAL A 167 -0.08 27.39 -40.86
CA VAL A 167 0.06 26.39 -41.92
C VAL A 167 0.86 27.02 -43.06
N ALA A 168 1.89 26.32 -43.54
CA ALA A 168 2.69 26.89 -44.61
C ALA A 168 3.42 25.81 -45.37
N GLU A 169 3.70 26.09 -46.63
CA GLU A 169 4.55 25.28 -47.48
C GLU A 169 6.00 25.71 -47.34
N VAL A 170 6.91 24.74 -47.27
CA VAL A 170 8.34 25.02 -47.21
C VAL A 170 9.00 24.23 -48.32
N GLN A 171 9.87 24.87 -49.08
CA GLN A 171 10.56 24.20 -50.18
C GLN A 171 11.94 23.78 -49.71
N ALA A 172 12.22 22.48 -49.81
CA ALA A 172 13.51 21.95 -49.40
C ALA A 172 14.52 22.15 -50.53
N ALA A 173 15.54 22.95 -50.25
CA ALA A 173 16.75 22.98 -51.07
C ALA A 173 17.70 21.87 -50.62
N GLY A 174 18.08 21.88 -49.35
CA GLY A 174 18.91 20.85 -48.76
C GLY A 174 18.13 19.57 -48.52
N PRO A 175 18.77 18.58 -47.90
CA PRO A 175 18.08 17.31 -47.64
C PRO A 175 16.87 17.49 -46.72
N VAL A 176 15.90 16.59 -46.86
CA VAL A 176 14.60 16.75 -46.19
C VAL A 176 14.70 16.48 -44.70
N ALA A 177 15.41 15.41 -44.29
CA ALA A 177 15.38 14.99 -42.90
C ALA A 177 15.95 16.05 -41.96
N ASP A 178 17.05 16.70 -42.37
CA ASP A 178 17.60 17.78 -41.55
C ASP A 178 16.66 18.98 -41.51
N LEU A 179 15.95 19.25 -42.60
CA LEU A 179 14.94 20.29 -42.59
C LEU A 179 13.82 19.96 -41.59
N LEU A 180 13.35 18.72 -41.59
CA LEU A 180 12.32 18.31 -40.63
C LEU A 180 12.78 18.61 -39.21
N ALA A 181 14.00 18.20 -38.86
CA ALA A 181 14.51 18.42 -37.51
C ALA A 181 14.61 19.90 -37.20
N GLU A 182 14.92 20.73 -38.20
CA GLU A 182 14.98 22.17 -38.00
C GLU A 182 13.61 22.78 -37.73
N LEU A 183 12.63 22.51 -38.60
CA LEU A 183 11.27 22.99 -38.36
C LEU A 183 10.74 22.51 -37.01
N THR A 184 11.11 21.30 -36.61
CA THR A 184 10.66 20.77 -35.33
C THR A 184 11.22 21.58 -34.16
N ALA A 185 12.48 21.98 -34.23
CA ALA A 185 13.12 22.63 -33.09
C ALA A 185 12.68 24.08 -32.89
N GLN A 186 12.09 24.73 -33.89
CA GLN A 186 11.67 26.11 -33.74
C GLN A 186 10.75 26.28 -32.53
N PRO A 187 11.05 27.23 -31.64
CA PRO A 187 10.27 27.37 -30.40
C PRO A 187 8.87 27.90 -30.62
N PHE A 188 7.96 27.47 -29.75
CA PHE A 188 6.66 28.12 -29.66
C PHE A 188 6.70 29.21 -28.61
N ASP A 189 5.94 30.27 -28.83
CA ASP A 189 5.65 31.20 -27.75
C ASP A 189 4.19 30.96 -27.38
N LEU A 190 3.97 30.20 -26.31
CA LEU A 190 2.63 29.74 -25.97
C LEU A 190 1.71 30.84 -25.45
N ALA A 191 2.23 32.03 -25.17
CA ALA A 191 1.34 33.12 -24.81
C ALA A 191 0.60 33.66 -26.02
N THR A 192 1.21 33.58 -27.22
CA THR A 192 0.62 34.20 -28.40
C THR A 192 0.33 33.25 -29.56
N GLN A 193 0.93 32.05 -29.60
CA GLN A 193 0.74 31.11 -30.70
C GLN A 193 0.07 29.84 -30.18
N ILE A 194 -0.87 29.28 -30.96
CA ILE A 194 -1.46 27.98 -30.60
C ILE A 194 -0.37 26.91 -30.65
N PRO A 195 -0.45 25.89 -29.82
CA PRO A 195 0.65 24.90 -29.74
C PRO A 195 0.72 23.89 -30.89
N LEU A 196 0.41 24.32 -32.10
CA LEU A 196 0.43 23.44 -33.26
C LEU A 196 0.94 24.22 -34.47
N ARG A 197 1.88 23.63 -35.18
CA ARG A 197 2.47 24.18 -36.40
C ARG A 197 2.36 23.10 -37.46
N VAL A 198 1.99 23.46 -38.68
CA VAL A 198 1.85 22.52 -39.77
C VAL A 198 2.70 22.99 -40.94
N ARG A 199 3.55 22.11 -41.45
CA ARG A 199 4.35 22.43 -42.63
C ARG A 199 4.17 21.35 -43.68
N MET A 200 4.00 21.77 -44.92
CA MET A 200 4.04 20.86 -46.06
C MET A 200 5.34 21.13 -46.79
N ILE A 201 6.21 20.15 -46.84
CA ILE A 201 7.53 20.30 -47.43
C ILE A 201 7.51 19.70 -48.83
N THR A 202 7.92 20.49 -49.80
CA THR A 202 7.96 20.12 -51.21
C THR A 202 9.35 20.44 -51.74
N GLY A 203 9.67 19.90 -52.91
CA GLY A 203 11.00 20.09 -53.44
C GLY A 203 11.31 19.17 -54.61
N GLU A 204 12.37 19.50 -55.35
CA GLU A 204 12.77 18.66 -56.47
C GLU A 204 13.21 17.28 -56.02
N GLN A 205 13.57 17.14 -54.76
CA GLN A 205 14.01 15.87 -54.19
C GLN A 205 12.91 15.15 -53.43
N VAL A 206 11.66 15.58 -53.62
CA VAL A 206 10.54 15.15 -52.78
C VAL A 206 9.40 14.76 -53.71
N ASP A 207 9.00 13.49 -53.64
CA ASP A 207 7.87 13.00 -54.43
C ASP A 207 6.59 13.23 -53.63
N GLY A 208 5.75 14.14 -54.12
CA GLY A 208 4.58 14.53 -53.37
C GLY A 208 4.95 15.61 -52.38
N CYS A 209 4.79 15.31 -51.09
CA CYS A 209 5.20 16.23 -50.04
C CYS A 209 5.43 15.42 -48.78
N VAL A 210 6.09 16.05 -47.81
CA VAL A 210 6.10 15.56 -46.43
C VAL A 210 5.25 16.51 -45.60
N LEU A 211 4.27 15.96 -44.90
CA LEU A 211 3.40 16.75 -44.05
C LEU A 211 3.98 16.67 -42.64
N LEU A 212 4.36 17.80 -42.09
CA LEU A 212 4.94 17.87 -40.75
C LEU A 212 3.96 18.58 -39.82
N LEU A 213 3.49 17.87 -38.81
CA LEU A 213 2.83 18.47 -37.67
C LEU A 213 3.85 18.62 -36.55
N VAL A 214 3.95 19.81 -36.00
CA VAL A 214 4.72 20.03 -34.79
C VAL A 214 3.79 20.51 -33.72
N CYS A 215 3.73 19.78 -32.61
CA CYS A 215 2.97 20.19 -31.45
C CYS A 215 3.93 20.58 -30.34
N HIS A 216 3.55 21.61 -29.58
CA HIS A 216 4.19 21.75 -28.29
C HIS A 216 3.71 20.59 -27.41
N HIS A 217 4.63 20.02 -26.62
CA HIS A 217 4.27 18.88 -25.77
C HIS A 217 3.09 19.20 -24.85
N ILE A 218 2.92 20.46 -24.49
CA ILE A 218 1.85 20.82 -23.58
C ILE A 218 0.50 20.41 -24.12
N ALA A 219 0.41 20.15 -25.44
CA ALA A 219 -0.84 19.86 -26.10
C ALA A 219 -0.94 18.46 -26.67
N ALA A 220 0.12 17.66 -26.61
CA ALA A 220 0.15 16.39 -27.32
C ALA A 220 1.25 15.51 -26.75
N ASP A 221 0.91 14.25 -26.44
CA ASP A 221 1.89 13.20 -26.27
C ASP A 221 1.90 12.34 -27.53
N GLU A 222 2.73 11.29 -27.50
CA GLU A 222 2.89 10.42 -28.66
C GLU A 222 1.64 9.59 -28.94
N TRP A 223 0.80 9.35 -27.93
CA TRP A 223 -0.45 8.65 -28.18
C TRP A 223 -1.47 9.52 -28.91
N SER A 224 -1.19 10.81 -29.10
CA SER A 224 -2.08 11.67 -29.86
C SER A 224 -1.86 11.54 -31.36
N PHE A 225 -0.82 10.86 -31.82
CA PHE A 225 -0.57 10.78 -33.26
C PHE A 225 -1.76 10.17 -33.99
N ALA A 226 -2.32 9.08 -33.45
CA ALA A 226 -3.40 8.41 -34.15
C ALA A 226 -4.62 9.31 -34.26
N PRO A 227 -5.12 9.91 -33.17
CA PRO A 227 -6.28 10.81 -33.33
C PRO A 227 -5.95 12.04 -34.17
N LEU A 228 -4.77 12.64 -34.00
CA LEU A 228 -4.38 13.75 -34.87
C LEU A 228 -4.53 13.39 -36.34
N LEU A 229 -3.93 12.27 -36.76
CA LEU A 229 -3.95 11.88 -38.17
C LEU A 229 -5.32 11.43 -38.63
N ARG A 230 -6.01 10.61 -37.82
CA ARG A 230 -7.40 10.26 -38.12
C ARG A 230 -8.21 11.52 -38.40
N ASP A 231 -8.21 12.45 -37.44
CA ASP A 231 -9.09 13.62 -37.56
C ASP A 231 -8.63 14.55 -38.67
N LEU A 232 -7.31 14.70 -38.86
CA LEU A 232 -6.84 15.55 -39.95
C LEU A 232 -7.25 14.98 -41.30
N ASP A 233 -7.11 13.65 -41.46
CA ASP A 233 -7.54 12.97 -42.67
C ASP A 233 -9.03 13.17 -42.92
N THR A 234 -9.86 12.96 -41.88
CA THR A 234 -11.29 13.22 -42.01
C THR A 234 -11.54 14.66 -42.45
N ALA A 235 -11.01 15.64 -41.72
CA ALA A 235 -11.26 17.03 -42.09
C ALA A 235 -10.69 17.38 -43.46
N TYR A 236 -9.56 16.79 -43.83
CA TYR A 236 -9.00 17.08 -45.15
C TYR A 236 -9.92 16.60 -46.27
N ARG A 237 -10.40 15.36 -46.16
CA ARG A 237 -11.23 14.81 -47.22
C ARG A 237 -12.61 15.48 -47.29
N ALA A 238 -13.17 15.89 -46.15
CA ALA A 238 -14.39 16.67 -46.18
C ALA A 238 -14.17 18.04 -46.81
N ARG A 239 -13.07 18.71 -46.47
CA ARG A 239 -12.85 20.04 -47.02
C ARG A 239 -12.53 20.00 -48.51
N ALA A 240 -11.87 18.93 -48.97
CA ALA A 240 -11.60 18.77 -50.40
C ALA A 240 -12.88 18.52 -51.20
N ALA A 241 -13.97 18.12 -50.54
CA ALA A 241 -15.29 18.04 -51.13
C ALA A 241 -16.17 19.24 -50.78
N GLY A 242 -15.59 20.29 -50.19
CA GLY A 242 -16.28 21.55 -49.96
C GLY A 242 -17.16 21.61 -48.74
N ARG A 243 -17.03 20.68 -47.79
CA ARG A 243 -17.92 20.67 -46.64
C ARG A 243 -17.15 20.46 -45.34
N ALA A 244 -17.74 20.91 -44.25
CA ALA A 244 -17.21 20.62 -42.93
C ALA A 244 -17.22 19.12 -42.67
N PRO A 245 -16.31 18.62 -41.82
CA PRO A 245 -16.30 17.19 -41.51
C PRO A 245 -17.48 16.83 -40.63
N ASP A 246 -17.96 15.61 -40.81
CA ASP A 246 -19.13 15.13 -40.05
C ASP A 246 -18.63 14.52 -38.75
N TRP A 247 -18.63 15.31 -37.68
CA TRP A 247 -18.03 14.80 -36.44
C TRP A 247 -19.03 14.84 -35.30
N GLU A 248 -19.07 13.77 -34.50
CA GLU A 248 -19.83 13.84 -33.24
C GLU A 248 -18.85 14.50 -32.26
N PRO A 249 -19.27 15.45 -31.40
CA PRO A 249 -18.32 16.11 -30.53
C PRO A 249 -17.52 15.08 -29.70
N LEU A 250 -16.34 15.47 -29.25
CA LEU A 250 -15.48 14.58 -28.44
C LEU A 250 -16.20 14.27 -27.12
N PRO A 251 -16.18 13.02 -26.64
CA PRO A 251 -16.77 12.72 -25.31
C PRO A 251 -16.19 13.59 -24.20
N ALA A 252 -14.95 14.07 -24.33
CA ALA A 252 -14.36 14.95 -23.33
C ALA A 252 -13.25 15.76 -23.94
N GLN A 253 -13.16 17.01 -23.54
CA GLN A 253 -12.07 17.90 -23.86
C GLN A 253 -10.96 17.71 -22.83
N TYR A 254 -9.75 18.14 -23.19
CA TYR A 254 -8.65 17.96 -22.26
C TYR A 254 -8.93 18.63 -20.92
N SER A 255 -9.45 19.86 -20.94
CA SER A 255 -9.84 20.53 -19.70
C SER A 255 -10.81 19.69 -18.85
N ASP A 256 -11.72 18.95 -19.47
CA ASP A 256 -12.57 18.05 -18.69
C ASP A 256 -11.72 17.04 -17.92
N TYR A 257 -10.77 16.41 -18.61
CA TYR A 257 -9.85 15.50 -17.95
C TYR A 257 -9.10 16.21 -16.82
N ALA A 258 -8.58 17.41 -17.09
CA ALA A 258 -7.75 18.05 -16.08
C ALA A 258 -8.55 18.35 -14.83
N ALA A 259 -9.77 18.87 -14.97
CA ALA A 259 -10.60 19.18 -13.81
C ALA A 259 -10.94 17.93 -13.00
N THR A 260 -11.32 16.84 -13.68
CA THR A 260 -11.58 15.60 -12.97
C THR A 260 -10.33 15.11 -12.25
N LEU A 261 -9.18 15.18 -12.92
CA LEU A 261 -7.95 14.69 -12.31
C LEU A 261 -7.57 15.53 -11.10
N HIS A 262 -7.68 16.85 -11.22
CA HIS A 262 -7.32 17.70 -10.08
CA HIS A 262 -7.35 17.73 -10.09
C HIS A 262 -8.26 17.45 -8.90
N ASP A 263 -9.55 17.30 -9.17
CA ASP A 263 -10.51 17.10 -8.07
C ASP A 263 -10.28 15.78 -7.36
N TRP A 264 -9.96 14.72 -8.11
CA TRP A 264 -9.70 13.44 -7.47
C TRP A 264 -8.36 13.44 -6.74
N LEU A 265 -7.35 14.16 -7.25
CA LEU A 265 -6.06 14.18 -6.58
C LEU A 265 -6.15 14.86 -5.23
N GLY A 266 -6.97 15.94 -5.10
CA GLY A 266 -7.02 16.69 -3.86
C GLY A 266 -5.69 17.33 -3.51
N GLU A 267 -5.56 17.73 -2.25
CA GLU A 267 -4.45 18.57 -1.80
C GLU A 267 -3.41 17.75 -1.03
N ALA A 268 -2.15 18.17 -1.17
CA ALA A 268 -1.07 17.46 -0.49
C ALA A 268 -1.13 17.57 1.02
N THR A 269 -1.86 18.56 1.55
CA THR A 269 -2.07 18.72 2.98
C THR A 269 -3.16 17.82 3.55
N ASP A 270 -3.88 17.07 2.72
CA ASP A 270 -4.97 16.22 3.16
C ASP A 270 -4.48 14.77 3.25
N PRO A 271 -4.23 14.24 4.46
CA PRO A 271 -3.61 12.90 4.56
C PRO A 271 -4.38 11.79 3.87
N ALA A 272 -5.68 11.95 3.61
CA ALA A 272 -6.38 10.90 2.90
C ALA A 272 -6.48 11.14 1.40
N SER A 273 -5.96 12.27 0.91
CA SER A 273 -6.02 12.53 -0.53
C SER A 273 -5.13 11.53 -1.28
N PRO A 274 -5.56 11.09 -2.47
CA PRO A 274 -4.65 10.28 -3.29
C PRO A 274 -3.29 10.93 -3.47
N LEU A 275 -3.26 12.24 -3.64
CA LEU A 275 -2.01 12.94 -3.88
C LEU A 275 -1.02 12.72 -2.74
N ARG A 276 -1.41 13.11 -1.52
CA ARG A 276 -0.52 12.95 -0.37
C ARG A 276 -0.21 11.48 -0.13
N ARG A 277 -1.18 10.60 -0.35
CA ARG A 277 -0.87 9.19 -0.16
C ARG A 277 0.17 8.71 -1.18
N GLN A 278 0.03 9.12 -2.43
CA GLN A 278 1.02 8.72 -3.43
C GLN A 278 2.37 9.39 -3.17
N LEU A 279 2.36 10.66 -2.73
CA LEU A 279 3.62 11.32 -2.45
C LEU A 279 4.33 10.68 -1.26
N ASP A 280 3.59 10.19 -0.27
CA ASP A 280 4.25 9.52 0.82
C ASP A 280 4.90 8.23 0.36
N TYR A 281 4.25 7.51 -0.56
CA TYR A 281 4.89 6.35 -1.14
C TYR A 281 6.21 6.74 -1.81
N TRP A 282 6.16 7.73 -2.69
CA TRP A 282 7.36 8.14 -3.40
C TRP A 282 8.46 8.62 -2.46
N GLN A 283 8.09 9.29 -1.35
CA GLN A 283 9.11 9.77 -0.43
C GLN A 283 9.90 8.60 0.17
N HIS A 284 9.21 7.51 0.51
CA HIS A 284 9.89 6.33 1.03
C HIS A 284 10.61 5.61 -0.10
N ALA A 285 9.97 5.49 -1.26
CA ALA A 285 10.54 4.75 -2.37
C ALA A 285 11.82 5.39 -2.91
N LEU A 286 11.93 6.73 -2.83
CA LEU A 286 13.08 7.43 -3.39
C LEU A 286 14.05 7.91 -2.31
N GLN A 287 14.02 7.28 -1.14
CA GLN A 287 14.93 7.61 -0.06
C GLN A 287 16.37 7.26 -0.44
N ASP A 288 17.30 8.16 -0.14
CA ASP A 288 18.72 7.90 -0.40
C ASP A 288 18.97 7.63 -1.89
N LEU A 289 18.31 8.41 -2.72
CA LEU A 289 18.51 8.30 -4.16
C LEU A 289 19.85 8.90 -4.54
N PRO A 290 20.59 8.30 -5.48
CA PRO A 290 21.79 8.97 -6.00
C PRO A 290 21.41 10.29 -6.65
N ASP A 291 22.30 11.28 -6.54
CA ASP A 291 22.09 12.53 -7.27
C ASP A 291 22.15 12.28 -8.76
N GLU A 292 23.00 11.35 -9.19
CA GLU A 292 23.20 11.03 -10.59
C GLU A 292 24.02 9.75 -10.65
N LEU A 293 23.86 9.02 -11.75
CA LEU A 293 24.62 7.81 -11.98
C LEU A 293 26.01 8.15 -12.51
N ASP A 294 26.99 7.32 -12.15
CA ASP A 294 28.35 7.43 -12.66
C ASP A 294 28.38 6.80 -14.05
N LEU A 295 28.11 7.61 -15.07
CA LEU A 295 28.08 7.16 -16.45
C LEU A 295 29.30 7.61 -17.24
N PRO A 296 29.60 6.94 -18.38
CA PRO A 296 30.82 7.27 -19.14
C PRO A 296 30.60 8.40 -20.13
N THR A 297 30.82 9.63 -19.69
CA THR A 297 30.62 10.76 -20.56
C THR A 297 31.92 11.09 -21.29
N ASP A 298 31.77 11.80 -22.40
CA ASP A 298 32.91 12.35 -23.11
C ASP A 298 33.32 13.70 -22.60
N ARG A 299 32.41 14.42 -21.96
CA ARG A 299 32.68 15.76 -21.43
C ARG A 299 32.03 15.89 -20.06
N PRO A 300 32.51 16.83 -19.25
CA PRO A 300 31.86 17.04 -17.96
C PRO A 300 30.51 17.72 -18.17
N ARG A 301 29.66 17.61 -17.17
CA ARG A 301 28.37 18.27 -17.19
C ARG A 301 28.60 19.78 -17.16
N PRO A 302 28.15 20.52 -18.18
CA PRO A 302 28.42 21.96 -18.23
C PRO A 302 27.57 22.74 -17.24
N ALA A 303 27.90 24.03 -17.08
CA ALA A 303 27.22 24.88 -16.10
C ALA A 303 25.74 25.07 -16.43
N THR A 304 25.43 25.27 -17.70
CA THR A 304 24.06 25.34 -18.19
C THR A 304 23.85 24.30 -19.29
N ALA A 305 22.65 23.73 -19.33
CA ALA A 305 22.32 22.74 -20.34
C ALA A 305 21.95 23.42 -21.64
N SER A 306 22.55 22.97 -22.74
CA SER A 306 22.20 23.48 -24.05
C SER A 306 20.99 22.78 -24.66
N HIS A 307 20.64 21.61 -24.13
CA HIS A 307 19.62 20.72 -24.68
C HIS A 307 19.87 20.35 -26.13
N ARG A 308 21.10 20.53 -26.56
CA ARG A 308 21.47 20.05 -27.90
C ARG A 308 21.63 18.53 -27.80
N GLY A 309 21.23 17.83 -28.85
CA GLY A 309 21.31 16.38 -28.81
C GLY A 309 21.34 15.73 -30.17
N GLY A 310 21.51 14.42 -30.19
CA GLY A 310 21.45 13.66 -31.43
C GLY A 310 20.64 12.40 -31.22
N LEU A 311 20.44 11.63 -32.27
CA LEU A 311 19.71 10.33 -32.14
C LEU A 311 20.56 9.21 -32.77
N ALA A 312 20.82 8.16 -32.00
CA ALA A 312 21.50 6.96 -32.54
C ALA A 312 20.48 5.84 -32.56
N ARG A 313 20.31 5.23 -33.72
CA ARG A 313 19.32 4.15 -33.87
C ARG A 313 20.02 2.80 -33.89
N ALA A 314 19.42 1.81 -33.25
CA ALA A 314 19.93 0.42 -33.35
C ALA A 314 18.81 -0.40 -33.98
N GLU A 315 19.00 -0.77 -35.24
CA GLU A 315 18.03 -1.64 -35.88
C GLU A 315 17.98 -2.98 -35.15
N LEU A 316 16.78 -3.56 -35.09
CA LEU A 316 16.56 -4.85 -34.46
C LEU A 316 16.03 -5.84 -35.48
N PRO A 317 16.73 -6.94 -35.78
CA PRO A 317 16.17 -7.95 -36.69
C PRO A 317 14.79 -8.39 -36.22
N PRO A 318 13.81 -8.45 -37.11
CA PRO A 318 12.51 -9.05 -36.77
C PRO A 318 12.63 -10.33 -35.96
N GLU A 319 13.74 -11.06 -36.15
CA GLU A 319 14.03 -12.25 -35.36
C GLU A 319 14.20 -11.90 -33.89
N LEU A 320 14.98 -10.84 -33.59
CA LEU A 320 15.17 -10.42 -32.21
C LEU A 320 13.89 -9.82 -31.65
N VAL A 321 13.17 -9.04 -32.47
CA VAL A 321 11.89 -8.48 -32.03
C VAL A 321 10.97 -9.61 -31.55
N GLU A 322 10.88 -10.69 -32.34
CA GLU A 322 10.03 -11.83 -31.97
C GLU A 322 10.57 -12.54 -30.74
N ALA A 323 11.89 -12.71 -30.64
CA ALA A 323 12.48 -13.33 -29.45
C ALA A 323 12.22 -12.49 -28.20
N VAL A 324 12.37 -11.16 -28.30
CA VAL A 324 12.09 -10.30 -27.15
C VAL A 324 10.64 -10.46 -26.71
N ARG A 325 9.72 -10.50 -27.66
CA ARG A 325 8.30 -10.69 -27.31
C ARG A 325 8.08 -12.01 -26.58
N ARG A 326 8.72 -13.08 -27.07
CA ARG A 326 8.59 -14.38 -26.43
C ARG A 326 9.20 -14.38 -25.04
N LEU A 327 10.40 -13.82 -24.90
CA LEU A 327 11.00 -13.69 -23.58
C LEU A 327 10.07 -12.97 -22.61
N ALA A 328 9.42 -11.90 -23.08
CA ALA A 328 8.50 -11.18 -22.20
C ALA A 328 7.32 -12.06 -21.81
N ALA A 329 6.69 -12.71 -22.79
CA ALA A 329 5.53 -13.56 -22.51
C ALA A 329 5.91 -14.70 -21.57
N GLN A 330 7.08 -15.31 -21.76
CA GLN A 330 7.44 -16.48 -20.97
C GLN A 330 7.78 -16.12 -19.52
N HIS A 331 8.08 -14.86 -19.23
CA HIS A 331 8.34 -14.45 -17.86
C HIS A 331 7.21 -13.60 -17.29
N GLY A 332 6.12 -13.44 -18.03
CA GLY A 332 5.01 -12.61 -17.59
C GLY A 332 5.34 -11.15 -17.40
N VAL A 333 6.11 -10.55 -18.31
CA VAL A 333 6.41 -9.14 -18.23
C VAL A 333 6.08 -8.50 -19.58
N THR A 334 6.04 -7.18 -19.59
CA THR A 334 5.88 -6.50 -20.86
C THR A 334 7.22 -6.37 -21.59
N VAL A 335 7.15 -6.09 -22.89
CA VAL A 335 8.38 -5.81 -23.62
C VAL A 335 9.10 -4.62 -23.00
N PHE A 336 8.35 -3.60 -22.61
CA PHE A 336 8.97 -2.46 -21.95
C PHE A 336 9.79 -2.90 -20.73
N MET A 337 9.33 -3.90 -19.96
CA MET A 337 10.10 -4.25 -18.77
C MET A 337 11.39 -4.95 -19.16
N VAL A 338 11.38 -5.74 -20.24
CA VAL A 338 12.60 -6.33 -20.75
C VAL A 338 13.60 -5.23 -21.14
N VAL A 339 13.14 -4.21 -21.87
CA VAL A 339 14.02 -3.12 -22.29
C VAL A 339 14.54 -2.35 -21.09
N GLN A 340 13.69 -2.14 -20.10
CA GLN A 340 14.12 -1.44 -18.91
C GLN A 340 15.14 -2.25 -18.14
N ALA A 341 14.90 -3.55 -17.97
CA ALA A 341 15.90 -4.44 -17.36
C ALA A 341 17.22 -4.36 -18.11
N ALA A 342 17.17 -4.44 -19.44
CA ALA A 342 18.40 -4.44 -20.22
C ALA A 342 19.15 -3.11 -20.10
N VAL A 343 18.44 -1.98 -20.09
CA VAL A 343 19.10 -0.70 -19.87
C VAL A 343 19.74 -0.66 -18.49
N ALA A 344 19.05 -1.19 -17.48
CA ALA A 344 19.63 -1.23 -16.14
C ALA A 344 20.90 -2.06 -16.13
N VAL A 345 20.87 -3.23 -16.78
CA VAL A 345 22.07 -4.05 -16.93
C VAL A 345 23.17 -3.26 -17.61
N LEU A 346 22.84 -2.62 -18.74
CA LEU A 346 23.85 -1.91 -19.48
C LEU A 346 24.54 -0.86 -18.61
N LEU A 347 23.77 0.00 -17.96
CA LEU A 347 24.39 1.00 -17.09
C LEU A 347 25.13 0.34 -15.92
N HIS A 348 24.60 -0.76 -15.42
CA HIS A 348 25.27 -1.49 -14.35
C HIS A 348 26.66 -1.93 -14.80
N ARG A 349 26.74 -2.53 -15.99
CA ARG A 349 28.02 -3.00 -16.50
C ARG A 349 28.97 -1.85 -16.78
N LEU A 350 28.44 -0.67 -17.04
CA LEU A 350 29.27 0.50 -17.28
C LEU A 350 29.77 1.15 -15.99
N GLY A 351 29.42 0.64 -14.81
CA GLY A 351 29.89 1.18 -13.55
C GLY A 351 28.90 2.00 -12.73
N ALA A 352 27.62 2.02 -13.12
CA ALA A 352 26.69 2.92 -12.45
C ALA A 352 26.34 2.46 -11.04
N GLY A 353 26.70 1.24 -10.66
CA GLY A 353 26.34 0.70 -9.35
C GLY A 353 25.20 -0.29 -9.42
N ASP A 354 24.63 -0.57 -8.25
CA ASP A 354 23.53 -1.51 -8.06
C ASP A 354 22.16 -0.86 -8.00
N ASP A 355 22.13 0.46 -7.84
CA ASP A 355 20.87 1.21 -7.67
C ASP A 355 20.65 2.07 -8.91
N ILE A 356 19.77 1.66 -9.80
CA ILE A 356 19.60 2.38 -11.09
C ILE A 356 18.24 3.04 -11.15
N PRO A 357 18.16 4.36 -10.97
CA PRO A 357 16.91 5.08 -11.16
C PRO A 357 16.72 5.37 -12.65
N LEU A 358 15.64 4.86 -13.23
CA LEU A 358 15.33 5.15 -14.66
C LEU A 358 13.96 5.84 -14.78
N GLY A 359 13.95 7.06 -15.32
CA GLY A 359 12.69 7.71 -15.61
C GLY A 359 11.92 6.98 -16.69
N SER A 360 10.60 7.00 -16.55
CA SER A 360 9.82 6.39 -17.58
C SER A 360 8.45 7.07 -17.66
N PRO A 361 7.98 7.46 -18.84
CA PRO A 361 6.65 8.07 -18.93
C PRO A 361 5.56 7.01 -18.84
N VAL A 362 4.48 7.34 -18.14
CA VAL A 362 3.32 6.47 -18.04
C VAL A 362 2.09 7.27 -18.44
N ALA A 363 1.29 6.71 -19.34
CA ALA A 363 0.14 7.42 -19.86
C ALA A 363 -1.08 7.22 -18.96
N ASP A 364 -1.75 8.31 -18.61
CA ASP A 364 -2.97 8.28 -17.81
C ASP A 364 -4.20 8.30 -18.71
N ARG A 365 -4.33 7.28 -19.55
CA ARG A 365 -5.37 7.22 -20.59
C ARG A 365 -6.33 6.06 -20.36
N ALA A 366 -6.52 5.64 -19.11
CA ALA A 366 -7.42 4.53 -18.85
C ALA A 366 -8.89 4.89 -19.11
N ASP A 367 -9.30 6.12 -18.78
CA ASP A 367 -10.69 6.52 -19.01
C ASP A 367 -11.03 6.47 -20.50
N GLU A 368 -12.14 5.80 -20.84
CA GLU A 368 -12.54 5.67 -22.24
C GLU A 368 -12.81 7.04 -22.89
N ALA A 369 -13.13 8.06 -22.10
CA ALA A 369 -13.34 9.40 -22.64
C ALA A 369 -12.04 10.04 -23.16
N VAL A 370 -10.87 9.51 -22.82
CA VAL A 370 -9.60 10.13 -23.19
C VAL A 370 -8.64 9.07 -23.72
N HIS A 371 -9.01 7.79 -23.61
CA HIS A 371 -8.15 6.71 -24.10
C HIS A 371 -7.60 7.00 -25.50
N ASP A 372 -8.43 7.60 -26.37
CA ASP A 372 -8.04 8.03 -27.72
C ASP A 372 -8.47 9.49 -27.89
N THR A 373 -7.60 10.42 -27.49
CA THR A 373 -7.85 11.84 -27.74
C THR A 373 -6.51 12.60 -27.70
N VAL A 374 -6.55 13.85 -28.17
CA VAL A 374 -5.33 14.66 -28.29
C VAL A 374 -5.09 15.38 -26.98
N GLY A 375 -3.93 15.15 -26.38
CA GLY A 375 -3.53 15.89 -25.21
C GLY A 375 -2.27 15.28 -24.64
N PHE A 376 -1.81 15.85 -23.54
CA PHE A 376 -0.63 15.35 -22.86
C PHE A 376 -1.06 14.59 -21.60
N PHE A 377 -0.88 13.27 -21.62
CA PHE A 377 -1.34 12.41 -20.53
C PHE A 377 -0.22 11.64 -19.86
N LEU A 378 1.04 12.06 -20.01
CA LEU A 378 2.16 11.27 -19.53
C LEU A 378 2.64 11.82 -18.20
N ASN A 379 2.55 11.00 -17.15
CA ASN A 379 3.30 11.31 -15.96
C ASN A 379 4.68 10.68 -16.09
N THR A 380 5.63 11.22 -15.35
CA THR A 380 6.98 10.69 -15.36
C THR A 380 7.25 10.04 -14.02
N LEU A 381 7.63 8.77 -14.05
CA LEU A 381 7.85 7.99 -12.85
C LEU A 381 9.32 7.58 -12.81
N VAL A 382 9.86 7.56 -11.59
CA VAL A 382 11.20 7.07 -11.34
C VAL A 382 11.10 5.60 -11.00
N LEU A 383 11.61 4.74 -11.86
CA LEU A 383 11.60 3.30 -11.62
C LEU A 383 12.98 2.92 -11.10
N ARG A 384 13.04 2.57 -9.81
CA ARG A 384 14.31 2.38 -9.12
C ARG A 384 14.68 0.89 -9.18
N VAL A 385 15.60 0.55 -10.06
CA VAL A 385 15.99 -0.84 -10.31
C VAL A 385 17.16 -1.18 -9.38
N ASN A 386 17.04 -2.26 -8.62
CA ASN A 386 18.13 -2.71 -7.77
C ASN A 386 18.71 -4.00 -8.32
N LEU A 387 20.02 -3.97 -8.57
CA LEU A 387 20.73 -5.09 -9.17
C LEU A 387 21.64 -5.80 -8.17
N SER A 388 21.42 -5.61 -6.86
CA SER A 388 22.31 -6.21 -5.87
C SER A 388 22.16 -7.73 -5.86
N GLY A 389 23.22 -8.38 -5.40
CA GLY A 389 23.20 -9.83 -5.20
C GLY A 389 23.23 -10.69 -6.44
N ASN A 390 24.00 -10.29 -7.46
CA ASN A 390 24.30 -11.13 -8.61
C ASN A 390 23.06 -11.80 -9.23
N PRO A 391 22.00 -11.04 -9.50
CA PRO A 391 20.81 -11.66 -10.09
C PRO A 391 21.06 -12.18 -11.49
N THR A 392 20.30 -13.20 -11.87
CA THR A 392 20.21 -13.52 -13.28
C THR A 392 19.25 -12.53 -13.97
N PHE A 393 19.23 -12.55 -15.31
CA PHE A 393 18.30 -11.67 -16.01
C PHE A 393 16.86 -12.01 -15.63
N ALA A 394 16.52 -13.30 -15.57
CA ALA A 394 15.16 -13.67 -15.19
C ALA A 394 14.82 -13.16 -13.80
N ASP A 395 15.75 -13.30 -12.85
CA ASP A 395 15.57 -12.70 -11.54
C ASP A 395 15.31 -11.21 -11.67
N LEU A 396 16.09 -10.53 -12.52
CA LEU A 396 15.93 -9.09 -12.67
C LEU A 396 14.57 -8.76 -13.26
N LEU A 397 14.11 -9.54 -14.24
CA LEU A 397 12.77 -9.29 -14.76
C LEU A 397 11.72 -9.39 -13.67
N ASP A 398 11.90 -10.30 -12.70
CA ASP A 398 10.96 -10.35 -11.59
C ASP A 398 11.06 -9.09 -10.72
N ARG A 399 12.29 -8.66 -10.42
CA ARG A 399 12.45 -7.43 -9.65
C ARG A 399 11.81 -6.25 -10.37
N VAL A 400 12.08 -6.13 -11.67
CA VAL A 400 11.59 -5.00 -12.43
C VAL A 400 10.07 -4.99 -12.41
N ARG A 401 9.46 -6.15 -12.69
CA ARG A 401 8.00 -6.27 -12.61
C ARG A 401 7.46 -5.82 -11.27
N ALA A 402 8.12 -6.23 -10.17
CA ALA A 402 7.66 -5.83 -8.83
C ALA A 402 7.82 -4.32 -8.62
N VAL A 403 8.95 -3.76 -9.04
CA VAL A 403 9.14 -2.31 -8.91
C VAL A 403 8.11 -1.57 -9.74
N ASP A 404 7.93 -1.99 -11.00
CA ASP A 404 7.03 -1.27 -11.89
C ASP A 404 5.58 -1.31 -11.37
N LEU A 405 5.09 -2.51 -11.04
CA LEU A 405 3.70 -2.60 -10.54
C LEU A 405 3.50 -1.74 -9.29
N GLU A 406 4.43 -1.79 -8.34
CA GLU A 406 4.38 -0.89 -7.20
C GLU A 406 4.29 0.57 -7.67
N ALA A 407 5.09 0.92 -8.69
CA ALA A 407 5.11 2.28 -9.20
C ALA A 407 3.79 2.63 -9.89
N PHE A 408 3.36 1.80 -10.84
CA PHE A 408 2.12 2.08 -11.57
C PHE A 408 0.95 2.29 -10.61
N ALA A 409 1.01 1.72 -9.41
CA ALA A 409 -0.08 1.97 -8.48
C ALA A 409 -0.02 3.37 -7.87
N ARG A 410 1.07 4.12 -8.07
CA ARG A 410 1.13 5.50 -7.59
C ARG A 410 1.56 6.45 -8.73
N ALA A 411 0.89 6.31 -9.88
CA ALA A 411 1.24 6.99 -11.11
C ALA A 411 0.63 8.37 -11.24
N ASP A 412 -0.17 8.82 -10.26
CA ASP A 412 -0.90 10.05 -10.41
C ASP A 412 -0.22 11.23 -9.74
N ALA A 413 0.62 11.00 -8.75
CA ALA A 413 1.40 12.07 -8.16
C ALA A 413 2.27 12.75 -9.23
N PRO A 414 2.06 14.01 -9.54
CA PRO A 414 2.82 14.66 -10.60
C PRO A 414 4.30 14.60 -10.26
N PHE A 415 5.11 14.42 -11.30
CA PHE A 415 6.53 14.30 -11.08
C PHE A 415 7.10 15.55 -10.39
N ASP A 416 6.61 16.73 -10.74
CA ASP A 416 7.18 17.90 -10.06
C ASP A 416 6.84 17.91 -8.56
N ALA A 417 5.68 17.39 -8.17
CA ALA A 417 5.40 17.24 -6.74
C ALA A 417 6.25 16.16 -6.11
N VAL A 418 6.65 15.13 -6.86
CA VAL A 418 7.57 14.15 -6.30
C VAL A 418 8.96 14.76 -6.12
N VAL A 419 9.40 15.55 -7.10
CA VAL A 419 10.68 16.24 -6.95
C VAL A 419 10.64 17.13 -5.70
N ASP A 420 9.54 17.88 -5.52
CA ASP A 420 9.42 18.77 -4.36
C ASP A 420 9.40 17.99 -3.05
N THR A 421 8.71 16.86 -3.03
CA THR A 421 8.69 16.01 -1.83
C THR A 421 10.06 15.42 -1.53
N VAL A 422 10.75 14.90 -2.55
CA VAL A 422 12.02 14.23 -2.29
C VAL A 422 13.13 15.24 -1.99
N LYS A 423 13.00 16.44 -2.55
CA LYS A 423 13.94 17.55 -2.25
C LYS A 423 15.37 17.14 -2.57
N PRO A 424 15.68 16.73 -3.81
CA PRO A 424 17.03 16.35 -4.17
C PRO A 424 17.96 17.55 -4.39
N PRO A 425 19.29 17.34 -4.34
CA PRO A 425 20.22 18.41 -4.69
C PRO A 425 19.89 18.82 -6.13
N ARG A 426 19.75 20.12 -6.36
CA ARG A 426 19.32 20.58 -7.71
C ARG A 426 20.48 21.19 -8.50
N ALA A 427 20.38 21.17 -9.83
CA ALA A 427 21.41 21.76 -10.72
C ALA A 427 20.75 21.98 -12.09
N VAL A 428 20.82 23.19 -12.62
CA VAL A 428 20.07 23.48 -13.82
C VAL A 428 20.56 22.66 -15.01
N SER A 429 21.73 22.03 -14.88
CA SER A 429 22.30 21.25 -15.96
C SER A 429 21.98 19.76 -15.85
N ARG A 430 21.26 19.35 -14.82
CA ARG A 430 21.04 17.93 -14.54
C ARG A 430 19.57 17.73 -14.22
N HIS A 431 18.88 16.89 -14.99
CA HIS A 431 17.51 16.55 -14.64
C HIS A 431 17.47 15.88 -13.25
N PRO A 432 16.51 16.25 -12.38
CA PRO A 432 16.46 15.69 -11.04
C PRO A 432 15.90 14.25 -10.94
N LEU A 433 16.40 13.46 -9.99
CA LEU A 433 15.90 12.09 -9.68
C LEU A 433 16.20 11.03 -10.76
N PHE A 434 16.57 11.47 -11.95
CA PHE A 434 16.98 10.51 -13.00
C PHE A 434 17.54 11.34 -14.15
N GLN A 435 18.54 10.79 -14.81
CA GLN A 435 19.03 11.42 -16.03
C GLN A 435 18.94 10.49 -17.23
N THR A 436 18.54 9.25 -17.04
CA THR A 436 18.26 8.32 -18.13
C THR A 436 16.79 7.93 -18.13
N MET A 437 16.15 8.05 -19.28
CA MET A 437 14.77 7.64 -19.41
C MET A 437 14.69 6.43 -20.33
N VAL A 438 13.74 5.53 -20.02
CA VAL A 438 13.39 4.40 -20.88
C VAL A 438 11.91 4.50 -21.22
N SER A 439 11.62 4.33 -22.49
CA SER A 439 10.21 4.37 -22.96
C SER A 439 9.95 3.32 -24.03
N TYR A 440 8.70 2.88 -24.10
CA TYR A 440 8.27 1.97 -25.18
C TYR A 440 7.20 2.73 -25.95
N GLN A 441 7.37 2.82 -27.26
CA GLN A 441 6.42 3.60 -28.07
C GLN A 441 5.94 2.77 -29.27
N ARG A 442 4.69 2.95 -29.63
CA ARG A 442 4.11 2.23 -30.78
C ARG A 442 3.51 3.25 -31.72
N ARG A 443 3.99 3.27 -32.95
CA ARG A 443 3.51 4.27 -33.93
C ARG A 443 2.14 3.83 -34.44
N PRO A 444 1.32 4.77 -34.94
CA PRO A 444 -0.03 4.45 -35.39
C PRO A 444 -0.03 3.39 -36.48
N SER A 445 -1.08 2.59 -36.48
CA SER A 445 -1.34 1.64 -37.54
C SER A 445 -2.34 2.25 -38.51
N ASP A 446 -2.40 1.68 -39.72
CA ASP A 446 -3.40 2.08 -40.72
C ASP A 446 -3.31 3.58 -41.06
N VAL A 447 -2.09 4.04 -41.32
CA VAL A 447 -1.92 5.40 -41.78
C VAL A 447 -1.20 5.35 -43.12
N ASP A 448 -1.51 4.31 -43.91
CA ASP A 448 -0.83 4.11 -45.18
C ASP A 448 -1.61 4.68 -46.36
N ARG A 449 -2.87 5.05 -46.19
CA ARG A 449 -3.65 5.64 -47.29
C ARG A 449 -4.45 6.85 -46.80
N LEU A 450 -3.77 7.79 -46.13
CA LEU A 450 -4.40 9.03 -45.66
C LEU A 450 -4.53 10.06 -46.78
N PHE A 451 -5.52 10.94 -46.64
CA PHE A 451 -5.73 12.06 -47.57
C PHE A 451 -5.99 11.58 -48.99
N GLY A 452 -6.55 10.37 -49.13
CA GLY A 452 -6.72 9.77 -50.44
C GLY A 452 -5.44 9.51 -51.23
N ALA A 453 -4.30 9.43 -50.56
CA ALA A 453 -3.03 9.16 -51.22
C ALA A 453 -2.37 7.93 -50.58
N ALA A 454 -1.13 7.67 -51.00
CA ALA A 454 -0.33 6.62 -50.35
C ALA A 454 0.53 7.34 -49.32
N THR A 455 0.48 6.92 -48.07
CA THR A 455 1.18 7.65 -47.01
C THR A 455 2.06 6.73 -46.16
N ARG A 456 3.11 7.29 -45.56
CA ARG A 456 3.96 6.53 -44.63
C ARG A 456 4.58 7.52 -43.64
N LEU A 457 4.66 7.12 -42.39
CA LEU A 457 5.30 7.99 -41.37
C LEU A 457 6.81 8.05 -41.65
N VAL A 458 7.38 9.22 -41.40
CA VAL A 458 8.85 9.41 -41.60
C VAL A 458 9.43 9.84 -40.25
N GLU A 459 10.50 9.19 -39.83
CA GLU A 459 11.07 9.50 -38.50
C GLU A 459 11.83 10.80 -38.60
N VAL A 460 11.81 11.59 -37.53
CA VAL A 460 12.45 12.92 -37.55
C VAL A 460 13.74 12.82 -36.74
N PRO A 461 14.88 13.25 -37.28
CA PRO A 461 16.14 13.10 -36.55
C PRO A 461 16.37 14.24 -35.56
N LEU A 462 16.13 14.03 -34.28
CA LEU A 462 16.11 15.17 -33.36
C LEU A 462 17.49 15.81 -33.24
N ASP A 463 17.48 17.14 -33.09
CA ASP A 463 18.67 17.93 -32.79
C ASP A 463 18.72 18.36 -31.33
N THR A 464 17.79 17.86 -30.52
CA THR A 464 17.68 18.24 -29.12
C THR A 464 17.62 16.98 -28.27
N ALA A 465 17.82 17.15 -26.96
CA ALA A 465 17.60 16.09 -26.00
C ALA A 465 17.10 16.69 -24.69
N LYS A 466 16.33 15.89 -23.97
CA LYS A 466 15.69 16.30 -22.73
C LYS A 466 16.50 15.93 -21.50
N PHE A 467 17.26 14.84 -21.58
CA PHE A 467 17.92 14.24 -20.43
C PHE A 467 19.39 13.98 -20.78
N ASP A 468 20.13 13.27 -19.93
CA ASP A 468 21.43 12.78 -20.41
C ASP A 468 21.25 11.77 -21.53
N LEU A 469 20.40 10.77 -21.30
CA LEU A 469 20.13 9.70 -22.26
C LEU A 469 18.65 9.35 -22.24
N GLU A 470 18.06 9.11 -23.41
CA GLU A 470 16.71 8.56 -23.48
C GLU A 470 16.72 7.39 -24.46
N PHE A 471 16.53 6.18 -23.94
CA PHE A 471 16.38 4.99 -24.77
C PHE A 471 14.89 4.78 -25.05
N ALA A 472 14.53 4.68 -26.33
CA ALA A 472 13.15 4.37 -26.69
C ALA A 472 13.11 3.11 -27.54
N PHE A 473 12.32 2.13 -27.10
CA PHE A 473 11.97 0.98 -27.93
C PHE A 473 10.75 1.36 -28.76
N ILE A 474 10.92 1.51 -30.07
CA ILE A 474 9.91 2.10 -30.93
C ILE A 474 9.44 1.05 -31.92
N GLU A 475 8.19 0.62 -31.78
CA GLU A 475 7.55 -0.23 -32.78
C GLU A 475 6.96 0.65 -33.86
N ASP A 476 7.23 0.31 -35.12
CA ASP A 476 6.76 1.13 -36.23
C ASP A 476 5.29 0.91 -36.56
N GLY A 477 4.69 -0.20 -36.14
CA GLY A 477 3.27 -0.42 -36.36
C GLY A 477 2.90 -0.91 -37.75
N GLY A 480 7.79 -4.21 -37.32
CA GLY A 480 9.15 -4.30 -36.81
C GLY A 480 9.46 -3.22 -35.80
N ALA A 481 10.70 -3.16 -35.30
CA ALA A 481 11.01 -2.25 -34.21
C ALA A 481 12.48 -1.86 -34.26
N HIS A 482 12.79 -0.74 -33.60
CA HIS A 482 14.17 -0.30 -33.45
C HIS A 482 14.32 0.38 -32.10
N ILE A 483 15.57 0.56 -31.68
CA ILE A 483 15.91 1.32 -30.49
C ILE A 483 16.49 2.67 -30.93
N ALA A 484 15.97 3.75 -30.35
CA ALA A 484 16.46 5.10 -30.59
C ALA A 484 17.03 5.64 -29.28
N LEU A 485 18.30 6.02 -29.29
CA LEU A 485 18.96 6.65 -28.16
C LEU A 485 19.10 8.13 -28.45
N ASN A 486 18.30 8.95 -27.77
CA ASN A 486 18.38 10.41 -27.82
C ASN A 486 19.32 10.84 -26.71
N TYR A 487 20.46 11.42 -27.08
CA TYR A 487 21.52 11.70 -26.12
C TYR A 487 21.86 13.19 -26.08
N ALA A 488 22.28 13.65 -24.90
CA ALA A 488 22.72 15.03 -24.74
C ALA A 488 24.09 15.22 -25.39
N ALA A 489 24.15 16.01 -26.47
CA ALA A 489 25.42 16.27 -27.14
C ALA A 489 26.43 16.95 -26.22
N ASP A 490 25.96 17.72 -25.22
CA ASP A 490 26.90 18.29 -24.26
C ASP A 490 27.78 17.21 -23.67
N LEU A 491 27.23 16.00 -23.49
CA LEU A 491 27.87 14.97 -22.70
C LEU A 491 28.51 13.87 -23.52
N PHE A 492 27.89 13.51 -24.65
CA PHE A 492 28.30 12.34 -25.42
C PHE A 492 28.60 12.74 -26.85
N ASP A 493 29.64 12.14 -27.44
CA ASP A 493 29.83 12.24 -28.87
C ASP A 493 28.91 11.24 -29.56
N HIS A 494 28.61 11.50 -30.82
CA HIS A 494 27.68 10.64 -31.53
C HIS A 494 28.17 9.21 -31.54
N ASP A 495 29.47 9.00 -31.77
CA ASP A 495 29.97 7.63 -31.84
C ASP A 495 29.91 6.94 -30.48
N SER A 496 30.05 7.68 -29.38
CA SER A 496 29.85 7.05 -28.07
C SER A 496 28.40 6.57 -27.90
N ALA A 497 27.44 7.30 -28.49
CA ALA A 497 26.02 6.97 -28.40
C ALA A 497 25.67 5.78 -29.30
N GLU A 498 26.19 5.77 -30.53
CA GLU A 498 26.09 4.58 -31.38
C GLU A 498 26.58 3.33 -30.68
N GLN A 499 27.70 3.43 -29.94
CA GLN A 499 28.21 2.28 -29.19
C GLN A 499 27.28 1.88 -28.05
N LEU A 500 26.73 2.85 -27.30
CA LEU A 500 25.83 2.50 -26.22
C LEU A 500 24.59 1.79 -26.74
N VAL A 501 24.03 2.28 -27.83
CA VAL A 501 22.79 1.70 -28.31
C VAL A 501 23.07 0.32 -28.93
N ALA A 502 24.26 0.14 -29.51
CA ALA A 502 24.66 -1.19 -29.98
C ALA A 502 24.85 -2.14 -28.80
N ARG A 503 25.44 -1.64 -27.71
CA ARG A 503 25.62 -2.48 -26.53
C ARG A 503 24.30 -2.86 -25.87
N LEU A 504 23.29 -1.99 -26.00
CA LEU A 504 21.96 -2.36 -25.48
C LEU A 504 21.37 -3.51 -26.28
N ARG A 505 21.48 -3.47 -27.61
CA ARG A 505 21.03 -4.61 -28.42
C ARG A 505 21.78 -5.89 -28.05
N THR A 506 23.08 -5.79 -27.77
CA THR A 506 23.83 -6.97 -27.33
C THR A 506 23.27 -7.52 -26.02
N VAL A 507 22.97 -6.64 -25.06
CA VAL A 507 22.39 -7.11 -23.80
C VAL A 507 21.08 -7.82 -24.06
N LEU A 508 20.24 -7.27 -24.95
CA LEU A 508 18.98 -7.92 -25.29
C LEU A 508 19.21 -9.26 -25.99
N GLU A 509 20.14 -9.30 -26.96
CA GLU A 509 20.45 -10.55 -27.64
C GLU A 509 20.81 -11.65 -26.65
N HIS A 510 21.71 -11.34 -25.71
CA HIS A 510 22.12 -12.31 -24.70
C HIS A 510 20.97 -12.68 -23.78
N ALA A 511 20.01 -11.78 -23.55
CA ALA A 511 18.94 -12.09 -22.60
C ALA A 511 17.95 -13.06 -23.19
N CYS A 512 17.66 -12.93 -24.48
CA CYS A 512 16.80 -13.88 -25.15
C CYS A 512 17.47 -15.25 -25.26
N ALA A 513 18.79 -15.28 -25.45
CA ALA A 513 19.48 -16.54 -25.66
C ALA A 513 19.59 -17.34 -24.37
N ASP A 514 19.87 -16.67 -23.25
CA ASP A 514 20.02 -17.36 -21.97
C ASP A 514 19.69 -16.41 -20.82
N PRO A 515 18.40 -16.28 -20.49
CA PRO A 515 18.01 -15.38 -19.38
C PRO A 515 18.50 -15.85 -18.02
N CYS A 516 19.10 -17.03 -17.92
CA CYS A 516 19.49 -17.59 -16.64
C CYS A 516 20.92 -17.25 -16.25
N ARG A 517 21.65 -16.48 -17.09
CA ARG A 517 22.98 -16.05 -16.67
C ARG A 517 22.91 -14.76 -15.83
N PRO A 518 23.83 -14.62 -14.87
CA PRO A 518 23.93 -13.36 -14.12
C PRO A 518 24.25 -12.15 -14.98
N VAL A 519 23.79 -10.99 -14.50
CA VAL A 519 23.91 -9.72 -15.22
C VAL A 519 25.26 -9.03 -15.02
N ALA A 520 26.14 -9.56 -14.20
CA ALA A 520 27.37 -8.83 -13.82
C ALA A 520 28.32 -8.57 -15.00
N VAL B 1 -7.97 -5.04 14.34
CA VAL B 1 -7.41 -3.83 14.92
C VAL B 1 -8.46 -3.03 15.68
N THR B 2 -8.39 -3.04 17.02
CA THR B 2 -9.26 -2.17 17.81
C THR B 2 -8.85 -0.70 17.73
N ALA B 3 -7.66 -0.40 17.20
CA ALA B 3 -7.23 0.99 17.09
C ALA B 3 -8.22 1.82 16.26
N TYR B 4 -8.77 1.24 15.20
CA TYR B 4 -9.72 1.96 14.36
C TYR B 4 -10.94 2.39 15.16
N GLU B 5 -11.52 1.44 15.90
CA GLU B 5 -12.65 1.73 16.77
C GLU B 5 -12.32 2.79 17.81
N GLU B 6 -11.13 2.75 18.40
CA GLU B 6 -10.80 3.76 19.39
C GLU B 6 -10.70 5.15 18.76
N ILE B 7 -10.21 5.25 17.53
CA ILE B 7 -10.13 6.58 16.92
C ILE B 7 -11.53 7.10 16.59
N VAL B 8 -12.40 6.23 16.03
CA VAL B 8 -13.77 6.65 15.75
C VAL B 8 -14.45 7.11 17.04
N CYS B 9 -14.31 6.33 18.11
CA CYS B 9 -14.85 6.78 19.40
C CYS B 9 -14.32 8.16 19.76
N GLN B 10 -13.01 8.34 19.65
CA GLN B 10 -12.38 9.60 20.01
C GLN B 10 -12.95 10.75 19.19
N VAL B 11 -13.12 10.55 17.88
CA VAL B 11 -13.69 11.60 17.06
C VAL B 11 -15.15 11.84 17.41
N PHE B 12 -15.96 10.78 17.53
CA PHE B 12 -17.35 10.96 17.98
C PHE B 12 -17.38 11.80 19.26
N ALA B 13 -16.53 11.43 20.22
CA ALA B 13 -16.55 12.11 21.51
C ALA B 13 -16.18 13.58 21.34
N ALA B 14 -15.17 13.86 20.52
CA ALA B 14 -14.77 15.24 20.29
C ALA B 14 -15.89 16.03 19.63
N VAL B 15 -16.46 15.49 18.56
CA VAL B 15 -17.41 16.22 17.74
C VAL B 15 -18.73 16.42 18.49
N LEU B 16 -19.19 15.40 19.21
CA LEU B 16 -20.43 15.49 19.98
C LEU B 16 -20.25 16.15 21.34
N ASP B 17 -19.03 16.42 21.76
CA ASP B 17 -18.73 16.77 23.16
C ASP B 17 -19.46 15.84 24.14
N ARG B 18 -19.18 14.54 24.03
CA ARG B 18 -19.70 13.56 24.95
C ARG B 18 -18.59 12.61 25.39
N SER B 19 -18.75 12.12 26.62
CA SER B 19 -17.75 11.20 27.20
C SER B 19 -18.41 9.85 27.43
N ASP B 20 -19.64 9.69 26.95
CA ASP B 20 -20.38 8.42 27.11
C ASP B 20 -20.39 7.66 25.78
N VAL B 21 -19.33 7.82 24.99
CA VAL B 21 -19.25 7.17 23.65
C VAL B 21 -18.67 5.77 23.77
N THR B 22 -19.45 4.76 23.43
CA THR B 22 -19.02 3.37 23.43
C THR B 22 -19.17 2.80 22.02
N ALA B 23 -18.55 1.64 21.81
CA ALA B 23 -18.43 1.06 20.48
C ALA B 23 -19.78 0.85 19.79
N ASP B 24 -20.87 0.80 20.54
CA ASP B 24 -22.17 0.50 19.95
C ASP B 24 -23.14 1.66 20.02
N ALA B 25 -22.66 2.87 20.34
CA ALA B 25 -23.49 4.06 20.41
C ALA B 25 -23.76 4.60 19.01
N ASP B 26 -25.04 4.68 18.62
CA ASP B 26 -25.40 5.25 17.34
C ASP B 26 -25.06 6.74 17.28
N PHE B 27 -24.37 7.16 16.22
CA PHE B 27 -24.00 8.57 16.09
C PHE B 27 -25.22 9.51 16.23
N PHE B 28 -26.30 9.24 15.50
CA PHE B 28 -27.43 10.18 15.48
C PHE B 28 -28.23 10.12 16.79
N ALA B 29 -28.38 8.93 17.36
CA ALA B 29 -29.04 8.83 18.67
C ALA B 29 -28.29 9.61 19.74
N LEU B 30 -26.97 9.76 19.59
CA LEU B 30 -26.16 10.51 20.55
C LEU B 30 -26.27 12.02 20.35
N GLY B 31 -27.05 12.48 19.40
CA GLY B 31 -27.11 13.90 19.08
C GLY B 31 -26.37 14.30 17.83
N GLY B 32 -25.94 13.34 17.01
CA GLY B 32 -25.34 13.71 15.74
C GLY B 32 -26.38 14.18 14.75
N HIS B 33 -25.91 14.94 13.75
CA HIS B 33 -26.76 15.35 12.64
C HIS B 33 -25.86 15.71 11.47
N SER B 34 -26.49 16.10 10.35
CA SER B 34 -25.76 16.25 9.10
C SER B 34 -24.55 17.18 9.24
N LEU B 35 -24.69 18.30 9.94
CA LEU B 35 -23.58 19.25 10.02
C LEU B 35 -22.39 18.65 10.78
N LEU B 36 -22.65 17.96 11.90
CA LEU B 36 -21.55 17.32 12.63
C LEU B 36 -20.99 16.13 11.86
N SER B 37 -21.81 15.43 11.10
CA SER B 37 -21.31 14.32 10.30
C SER B 37 -20.18 14.79 9.38
N LEU B 38 -20.20 16.06 8.98
CA LEU B 38 -19.10 16.58 8.18
C LEU B 38 -17.82 16.67 9.01
N ARG B 39 -17.93 17.02 10.29
CA ARG B 39 -16.72 17.12 11.09
C ARG B 39 -16.15 15.74 11.40
N VAL B 40 -17.00 14.74 11.57
CA VAL B 40 -16.54 13.38 11.80
C VAL B 40 -15.71 12.89 10.62
N VAL B 41 -16.23 13.07 9.39
CA VAL B 41 -15.52 12.51 8.24
C VAL B 41 -14.22 13.25 7.98
N ALA B 42 -14.23 14.59 8.01
CA ALA B 42 -12.98 15.34 7.88
C ALA B 42 -11.95 14.87 8.92
N ARG B 43 -12.41 14.59 10.13
CA ARG B 43 -11.46 14.24 11.19
C ARG B 43 -10.93 12.82 10.99
N LEU B 44 -11.80 11.87 10.63
CA LEU B 44 -11.37 10.51 10.34
C LEU B 44 -10.43 10.44 9.12
N ARG B 45 -10.74 11.20 8.07
CA ARG B 45 -9.82 11.30 6.94
C ARG B 45 -8.45 11.79 7.39
N ALA B 46 -8.42 12.82 8.24
CA ALA B 46 -7.14 13.37 8.68
C ALA B 46 -6.41 12.40 9.60
N LEU B 47 -7.13 11.73 10.51
CA LEU B 47 -6.46 10.86 11.48
C LEU B 47 -6.07 9.52 10.87
N LEU B 48 -6.89 8.97 9.98
CA LEU B 48 -6.65 7.63 9.47
C LEU B 48 -6.08 7.59 8.06
N GLY B 49 -6.07 8.72 7.35
CA GLY B 49 -5.57 8.72 5.98
C GLY B 49 -6.31 7.79 5.04
N VAL B 50 -7.58 7.47 5.33
CA VAL B 50 -8.39 6.68 4.41
C VAL B 50 -9.51 7.55 3.88
N ASP B 51 -10.03 7.15 2.72
CA ASP B 51 -11.16 7.83 2.11
C ASP B 51 -12.43 7.42 2.84
N VAL B 52 -12.91 8.28 3.72
CA VAL B 52 -14.18 8.06 4.39
C VAL B 52 -15.15 9.13 3.89
N GLY B 53 -16.43 8.77 3.82
CA GLY B 53 -17.45 9.71 3.39
C GLY B 53 -18.66 9.63 4.31
N VAL B 54 -19.51 10.66 4.18
CA VAL B 54 -20.80 10.68 4.88
C VAL B 54 -21.54 9.36 4.68
N ARG B 55 -21.46 8.80 3.47
CA ARG B 55 -22.15 7.54 3.21
C ARG B 55 -21.71 6.43 4.16
N ASP B 56 -20.41 6.41 4.51
CA ASP B 56 -19.95 5.42 5.48
C ASP B 56 -20.55 5.68 6.86
N LEU B 57 -20.58 6.94 7.29
CA LEU B 57 -21.15 7.24 8.59
C LEU B 57 -22.65 6.93 8.62
N PHE B 58 -23.37 7.31 7.56
CA PHE B 58 -24.80 7.00 7.50
C PHE B 58 -25.05 5.49 7.56
N GLU B 59 -24.29 4.72 6.75
CA GLU B 59 -24.53 3.29 6.71
C GLU B 59 -24.00 2.58 7.94
N ALA B 60 -22.95 3.11 8.58
CA ALA B 60 -22.36 2.48 9.76
C ALA B 60 -22.19 3.53 10.85
N PRO B 61 -23.26 3.80 11.61
CA PRO B 61 -23.26 4.93 12.54
C PRO B 61 -22.74 4.66 13.93
N THR B 62 -22.30 3.45 14.24
CA THR B 62 -21.64 3.24 15.52
C THR B 62 -20.13 3.10 15.31
N PRO B 63 -19.32 3.37 16.34
CA PRO B 63 -17.87 3.23 16.19
C PRO B 63 -17.43 1.85 15.74
N ALA B 64 -17.98 0.79 16.31
CA ALA B 64 -17.62 -0.56 15.87
C ALA B 64 -17.96 -0.76 14.41
N ALA B 65 -19.18 -0.37 14.00
CA ALA B 65 -19.58 -0.60 12.61
C ALA B 65 -18.73 0.21 11.65
N LEU B 66 -18.50 1.48 11.97
CA LEU B 66 -17.75 2.34 11.06
C LEU B 66 -16.29 1.89 10.94
N ALA B 67 -15.63 1.58 12.07
CA ALA B 67 -14.28 1.01 12.01
C ALA B 67 -14.24 -0.25 11.14
N ALA B 68 -15.19 -1.16 11.34
CA ALA B 68 -15.21 -2.38 10.54
C ALA B 68 -15.34 -2.07 9.05
N ARG B 69 -16.20 -1.13 8.70
CA ARG B 69 -16.45 -0.81 7.31
C ARG B 69 -15.25 -0.13 6.67
N LEU B 70 -14.54 0.72 7.40
CA LEU B 70 -13.46 1.49 6.80
C LEU B 70 -12.28 0.63 6.40
N THR B 71 -12.21 -0.59 6.91
CA THR B 71 -11.04 -1.45 6.75
C THR B 71 -11.32 -2.68 5.87
N ARG B 77 -12.89 -8.81 2.42
CA ARG B 77 -12.81 -9.90 3.38
C ARG B 77 -14.21 -10.32 3.82
N PRO B 78 -14.48 -11.62 3.78
CA PRO B 78 -15.83 -12.11 4.03
C PRO B 78 -16.21 -12.15 5.49
N ALA B 79 -17.50 -11.89 5.74
CA ALA B 79 -18.10 -12.05 7.06
C ALA B 79 -17.95 -13.48 7.57
N VAL B 80 -17.85 -13.60 8.88
CA VAL B 80 -17.85 -14.93 9.49
C VAL B 80 -19.24 -15.55 9.36
N THR B 81 -19.29 -16.73 8.78
CA THR B 81 -20.55 -17.46 8.66
C THR B 81 -20.49 -18.68 9.56
N ARG B 82 -21.54 -18.91 10.30
CA ARG B 82 -21.60 -20.03 11.22
C ARG B 82 -21.75 -21.31 10.41
N ARG B 83 -20.67 -22.09 10.28
CA ARG B 83 -20.79 -23.41 9.68
C ARG B 83 -21.74 -24.25 10.52
N GLY B 84 -22.37 -25.22 9.89
CA GLY B 84 -23.47 -25.88 10.54
C GLY B 84 -23.00 -26.88 11.58
N PRO B 85 -23.95 -27.66 12.12
CA PRO B 85 -23.57 -28.74 13.03
C PRO B 85 -22.58 -29.71 12.38
N ASP B 86 -21.63 -30.18 13.17
CA ASP B 86 -20.68 -31.20 12.76
C ASP B 86 -19.59 -30.66 11.85
N ALA B 87 -19.48 -29.36 11.63
CA ALA B 87 -18.33 -28.85 10.92
C ALA B 87 -17.09 -29.16 11.76
N PRO B 88 -16.07 -29.82 11.20
CA PRO B 88 -14.93 -30.23 12.03
C PRO B 88 -14.19 -29.01 12.55
N PRO B 89 -13.49 -29.12 13.68
CA PRO B 89 -12.77 -27.96 14.23
C PRO B 89 -11.62 -27.52 13.34
N VAL B 90 -11.35 -26.21 13.36
CA VAL B 90 -10.25 -25.60 12.64
C VAL B 90 -9.41 -24.84 13.65
N LEU B 91 -8.12 -25.19 13.73
CA LEU B 91 -7.15 -24.39 14.47
C LEU B 91 -6.73 -23.19 13.63
N SER B 92 -6.93 -22.00 14.17
CA SER B 92 -6.41 -20.81 13.52
C SER B 92 -4.88 -20.85 13.50
N HIS B 93 -4.29 -20.08 12.60
CA HIS B 93 -2.84 -19.88 12.59
CA HIS B 93 -2.84 -19.91 12.62
C HIS B 93 -2.36 -19.21 13.88
N PHE B 94 -3.22 -18.41 14.53
CA PHE B 94 -2.83 -17.81 15.81
C PHE B 94 -2.67 -18.88 16.87
N GLN B 95 -3.62 -19.81 16.93
CA GLN B 95 -3.45 -20.96 17.81
C GLN B 95 -2.22 -21.77 17.42
N ARG B 96 -1.96 -21.92 16.12
CA ARG B 96 -0.80 -22.66 15.67
C ARG B 96 0.49 -22.03 16.22
N GLY B 97 0.63 -20.71 16.11
CA GLY B 97 1.80 -20.03 16.67
C GLY B 97 1.96 -20.26 18.16
N LEU B 98 0.86 -20.19 18.92
CA LEU B 98 0.96 -20.37 20.37
C LEU B 98 1.37 -21.79 20.73
N TRP B 99 0.83 -22.79 20.03
CA TRP B 99 1.26 -24.17 20.25
C TRP B 99 2.74 -24.33 19.92
N LEU B 100 3.18 -23.68 18.84
CA LEU B 100 4.55 -23.79 18.40
C LEU B 100 5.52 -23.17 19.41
N ILE B 101 5.23 -21.92 19.83
CA ILE B 101 6.08 -21.26 20.81
C ILE B 101 6.27 -22.14 22.03
N GLU B 102 5.21 -22.82 22.46
CA GLU B 102 5.33 -23.69 23.63
C GLU B 102 6.21 -24.89 23.35
N GLN B 103 6.11 -25.46 22.14
CA GLN B 103 6.84 -26.69 21.81
C GLN B 103 8.32 -26.39 21.56
N VAL B 104 8.60 -25.31 20.86
CA VAL B 104 9.95 -25.02 20.43
C VAL B 104 10.77 -24.37 21.54
N TYR B 105 10.23 -23.36 22.21
CA TYR B 105 10.96 -22.63 23.23
C TYR B 105 10.67 -23.12 24.65
N GLN B 106 9.78 -24.09 24.83
CA GLN B 106 9.56 -24.68 26.18
C GLN B 106 9.25 -23.58 27.19
N THR B 107 8.05 -23.01 27.13
CA THR B 107 7.68 -21.81 27.94
C THR B 107 7.05 -22.15 29.29
N ARG B 108 6.73 -23.41 29.56
CA ARG B 108 6.18 -23.85 30.88
C ARG B 108 5.27 -22.82 31.58
N GLY B 109 3.99 -22.76 31.24
CA GLY B 109 3.03 -21.93 31.98
C GLY B 109 2.98 -20.46 31.62
N ALA B 110 4.02 -19.93 30.96
CA ALA B 110 4.08 -18.49 30.68
C ALA B 110 2.94 -18.04 29.76
N TYR B 111 2.40 -18.95 28.95
CA TYR B 111 1.31 -18.56 28.09
C TYR B 111 -0.04 -18.90 28.70
N ASN B 112 -0.08 -19.12 30.01
CA ASN B 112 -1.33 -19.29 30.71
C ASN B 112 -1.88 -17.90 31.04
N VAL B 113 -3.18 -17.72 30.86
CA VAL B 113 -3.73 -16.41 31.16
C VAL B 113 -4.64 -16.56 32.37
N PRO B 114 -4.42 -15.81 33.44
CA PRO B 114 -5.24 -15.90 34.64
C PRO B 114 -6.38 -14.90 34.62
N LEU B 115 -7.49 -15.27 35.28
CA LEU B 115 -8.58 -14.32 35.51
C LEU B 115 -9.07 -14.58 36.92
N ALA B 116 -8.81 -13.63 37.81
CA ALA B 116 -9.06 -13.78 39.23
C ALA B 116 -10.04 -12.71 39.69
N VAL B 117 -11.03 -13.15 40.46
CA VAL B 117 -12.15 -12.36 40.93
C VAL B 117 -12.27 -12.64 42.41
N HIS B 118 -12.13 -11.63 43.24
CA HIS B 118 -12.44 -11.80 44.63
C HIS B 118 -13.95 -11.79 44.79
N VAL B 119 -14.49 -12.75 45.51
CA VAL B 119 -15.93 -12.85 45.73
C VAL B 119 -16.19 -12.77 47.23
N SER B 120 -17.12 -11.91 47.64
CA SER B 120 -17.40 -11.72 49.06
C SER B 120 -18.07 -12.93 49.70
N ASP B 121 -18.71 -13.79 48.91
CA ASP B 121 -19.22 -15.08 49.34
C ASP B 121 -18.23 -16.17 48.94
N ARG B 122 -18.15 -17.22 49.74
CA ARG B 122 -17.62 -18.48 49.27
C ARG B 122 -18.60 -19.07 48.26
N LEU B 123 -18.15 -19.32 47.03
CA LEU B 123 -19.07 -19.88 46.06
C LEU B 123 -19.38 -21.33 46.43
N ASP B 124 -20.50 -21.84 45.93
CA ASP B 124 -20.81 -23.25 46.05
C ASP B 124 -20.03 -24.01 45.00
N LEU B 125 -19.19 -24.96 45.43
CA LEU B 125 -18.29 -25.64 44.52
C LEU B 125 -19.05 -26.52 43.52
N ASP B 126 -20.12 -27.18 43.97
CA ASP B 126 -20.86 -28.02 43.02
C ASP B 126 -21.63 -27.16 42.02
N VAL B 127 -22.14 -26.02 42.46
CA VAL B 127 -22.79 -25.11 41.51
C VAL B 127 -21.76 -24.56 40.53
N LEU B 128 -20.61 -24.13 41.04
CA LEU B 128 -19.55 -23.60 40.19
C LEU B 128 -19.13 -24.63 39.15
N ARG B 129 -18.96 -25.88 39.57
CA ARG B 129 -18.59 -26.91 38.60
C ARG B 129 -19.64 -27.06 37.50
N ALA B 130 -20.93 -27.06 37.88
CA ALA B 130 -22.00 -27.12 36.88
C ALA B 130 -21.97 -25.91 35.95
N ALA B 131 -21.65 -24.74 36.48
CA ALA B 131 -21.61 -23.55 35.62
C ALA B 131 -20.39 -23.57 34.71
N VAL B 132 -19.26 -24.12 35.16
CA VAL B 132 -18.10 -24.28 34.27
C VAL B 132 -18.44 -25.23 33.12
N ARG B 133 -19.09 -26.36 33.41
CA ARG B 133 -19.51 -27.21 32.32
C ARG B 133 -20.41 -26.48 31.31
N ASP B 134 -21.37 -25.66 31.78
CA ASP B 134 -22.18 -24.93 30.79
C ASP B 134 -21.31 -23.97 29.96
N LEU B 135 -20.38 -23.27 30.62
CA LEU B 135 -19.48 -22.38 29.90
C LEU B 135 -18.74 -23.13 28.79
N VAL B 136 -18.25 -24.31 29.11
CA VAL B 136 -17.46 -25.09 28.15
C VAL B 136 -18.37 -25.70 27.07
N ALA B 137 -19.58 -26.12 27.44
CA ALA B 137 -20.56 -26.52 26.44
C ALA B 137 -20.82 -25.40 25.42
N ARG B 138 -20.90 -24.17 25.90
CA ARG B 138 -21.25 -23.05 25.04
C ARG B 138 -20.10 -22.68 24.09
N HIS B 139 -18.85 -22.70 24.57
CA HIS B 139 -17.70 -22.22 23.79
C HIS B 139 -16.85 -23.43 23.40
N GLU B 140 -16.97 -23.85 22.13
CA GLU B 140 -16.20 -25.03 21.71
C GLU B 140 -14.71 -24.83 21.91
N VAL B 141 -14.22 -23.58 21.80
CA VAL B 141 -12.78 -23.35 21.89
C VAL B 141 -12.27 -23.79 23.26
N LEU B 142 -13.13 -23.77 24.27
CA LEU B 142 -12.74 -24.16 25.62
C LEU B 142 -12.75 -25.66 25.83
N ARG B 143 -13.20 -26.45 24.84
CA ARG B 143 -13.17 -27.89 24.99
C ARG B 143 -12.55 -28.54 23.76
N THR B 144 -11.70 -27.80 23.05
CA THR B 144 -10.90 -28.30 21.95
C THR B 144 -9.50 -28.64 22.48
N LEU B 145 -9.16 -29.92 22.50
CA LEU B 145 -7.78 -30.34 22.71
C LEU B 145 -6.94 -30.09 21.46
N VAL B 146 -5.62 -30.09 21.65
CA VAL B 146 -4.70 -29.93 20.54
C VAL B 146 -3.69 -31.06 20.61
N ARG B 147 -3.60 -31.86 19.54
CA ARG B 147 -2.71 -33.01 19.50
C ARG B 147 -1.68 -32.87 18.40
N SER B 148 -0.49 -33.41 18.68
CA SER B 148 0.61 -33.56 17.71
C SER B 148 0.42 -34.81 16.83
N PRO B 153 0.18 -29.64 14.23
CA PRO B 153 -0.81 -29.77 15.32
C PRO B 153 -2.26 -29.98 14.81
N ASP B 154 -3.03 -30.84 15.47
CA ASP B 154 -4.41 -31.15 15.03
C ASP B 154 -5.43 -30.92 16.15
N PRO B 155 -6.58 -30.29 15.84
CA PRO B 155 -7.57 -30.02 16.86
C PRO B 155 -8.49 -31.22 17.11
N VAL B 156 -8.88 -31.41 18.35
CA VAL B 156 -9.85 -32.49 18.69
C VAL B 156 -10.92 -31.83 19.55
N LEU B 157 -12.12 -31.71 19.01
CA LEU B 157 -13.24 -31.11 19.74
C LEU B 157 -13.90 -32.16 20.61
N LEU B 158 -13.87 -31.96 21.92
CA LEU B 158 -14.60 -32.81 22.83
C LEU B 158 -16.06 -32.41 22.87
N ALA B 159 -16.94 -33.41 22.86
CA ALA B 159 -18.35 -33.17 23.12
C ALA B 159 -18.54 -32.79 24.59
N PRO B 160 -19.59 -32.04 24.91
CA PRO B 160 -19.72 -31.52 26.30
C PRO B 160 -19.64 -32.60 27.35
N GLU B 161 -20.31 -33.74 27.13
CA GLU B 161 -20.25 -34.86 28.06
C GLU B 161 -18.86 -35.50 28.16
N ASP B 162 -17.98 -35.29 27.18
CA ASP B 162 -16.63 -35.82 27.26
C ASP B 162 -15.61 -34.82 27.77
N ALA B 163 -16.00 -33.56 27.89
CA ALA B 163 -15.13 -32.55 28.46
C ALA B 163 -15.15 -32.73 29.98
N ALA B 164 -14.01 -33.09 30.53
CA ALA B 164 -13.88 -33.35 31.96
C ALA B 164 -13.31 -32.08 32.59
N VAL B 165 -14.20 -31.17 33.00
CA VAL B 165 -13.76 -29.88 33.51
C VAL B 165 -13.03 -30.09 34.82
N ASP B 166 -12.10 -29.19 35.11
CA ASP B 166 -11.21 -29.28 36.26
C ASP B 166 -11.48 -28.07 37.15
N VAL B 167 -12.24 -28.32 38.22
CA VAL B 167 -12.72 -27.29 39.13
C VAL B 167 -12.42 -27.77 40.53
N ALA B 168 -11.69 -26.97 41.29
CA ALA B 168 -11.27 -27.42 42.61
C ALA B 168 -11.16 -26.25 43.56
N GLU B 169 -11.38 -26.54 44.84
CA GLU B 169 -11.08 -25.62 45.92
C GLU B 169 -9.62 -25.80 46.36
N VAL B 170 -9.00 -24.70 46.77
CA VAL B 170 -7.63 -24.68 47.27
C VAL B 170 -7.60 -23.84 48.52
N GLN B 171 -7.08 -24.39 49.61
CA GLN B 171 -6.95 -23.63 50.85
C GLN B 171 -5.64 -22.83 50.83
N ALA B 172 -5.77 -21.51 50.98
CA ALA B 172 -4.62 -20.62 50.97
C ALA B 172 -3.73 -20.90 52.17
N ALA B 173 -2.53 -21.42 51.91
CA ALA B 173 -1.57 -21.62 53.00
C ALA B 173 -0.93 -20.30 53.42
N GLY B 174 -0.66 -19.40 52.45
CA GLY B 174 0.02 -18.14 52.72
C GLY B 174 -0.59 -17.00 51.92
N PRO B 175 0.22 -15.98 51.62
CA PRO B 175 -0.29 -14.81 50.89
C PRO B 175 -0.92 -15.21 49.57
N VAL B 176 -2.17 -14.79 49.36
CA VAL B 176 -2.94 -15.32 48.24
C VAL B 176 -2.39 -14.87 46.90
N ALA B 177 -1.86 -13.65 46.79
CA ALA B 177 -1.30 -13.21 45.52
C ALA B 177 -0.26 -14.20 45.00
N ASP B 178 0.61 -14.72 45.89
CA ASP B 178 1.63 -15.68 45.45
C ASP B 178 1.01 -16.99 45.03
N LEU B 179 0.02 -17.47 45.77
CA LEU B 179 -0.66 -18.70 45.40
C LEU B 179 -1.35 -18.56 44.03
N LEU B 180 -1.90 -17.39 43.75
CA LEU B 180 -2.54 -17.18 42.45
C LEU B 180 -1.53 -17.32 41.32
N ALA B 181 -0.36 -16.67 41.49
CA ALA B 181 0.72 -16.81 40.51
C ALA B 181 1.17 -18.27 40.36
N GLU B 182 1.29 -19.01 41.46
CA GLU B 182 1.70 -20.41 41.34
C GLU B 182 0.66 -21.23 40.58
N LEU B 183 -0.62 -21.11 40.95
CA LEU B 183 -1.70 -21.82 40.26
C LEU B 183 -1.76 -21.45 38.78
N THR B 184 -1.44 -20.21 38.45
CA THR B 184 -1.52 -19.76 37.06
C THR B 184 -0.43 -20.41 36.22
N ALA B 185 0.76 -20.59 36.80
CA ALA B 185 1.94 -21.09 36.10
C ALA B 185 1.93 -22.61 35.89
N GLN B 186 1.04 -23.37 36.53
CA GLN B 186 1.03 -24.82 36.30
C GLN B 186 0.77 -25.11 34.83
N PRO B 187 1.58 -25.94 34.17
CA PRO B 187 1.40 -26.17 32.73
C PRO B 187 0.14 -26.96 32.42
N PHE B 188 -0.40 -26.73 31.23
CA PHE B 188 -1.48 -27.53 30.65
C PHE B 188 -0.85 -28.60 29.76
N ASP B 189 -1.52 -29.75 29.65
CA ASP B 189 -1.20 -30.72 28.61
C ASP B 189 -2.38 -30.66 27.65
N LEU B 190 -2.24 -29.87 26.60
CA LEU B 190 -3.37 -29.61 25.70
C LEU B 190 -3.80 -30.82 24.89
N ALA B 191 -3.01 -31.90 24.88
CA ALA B 191 -3.44 -33.09 24.15
C ALA B 191 -4.46 -33.89 24.95
N THR B 192 -4.48 -33.73 26.28
CA THR B 192 -5.41 -34.49 27.11
C THR B 192 -6.32 -33.65 28.01
N GLN B 193 -6.00 -32.36 28.22
CA GLN B 193 -6.74 -31.48 29.12
C GLN B 193 -7.35 -30.34 28.33
N ILE B 194 -8.56 -29.93 28.70
CA ILE B 194 -9.15 -28.77 28.04
C ILE B 194 -8.39 -27.55 28.54
N PRO B 195 -8.32 -26.51 27.76
CA PRO B 195 -7.42 -25.39 28.10
C PRO B 195 -8.01 -24.43 29.14
N LEU B 196 -8.82 -24.93 30.09
CA LEU B 196 -9.40 -24.09 31.14
C LEU B 196 -9.38 -24.85 32.45
N ARG B 197 -8.99 -24.14 33.51
CA ARG B 197 -8.87 -24.68 34.84
C ARG B 197 -9.49 -23.66 35.78
N VAL B 198 -10.24 -24.11 36.77
CA VAL B 198 -10.90 -23.21 37.69
C VAL B 198 -10.52 -23.58 39.11
N ARG B 199 -10.17 -22.58 39.89
CA ARG B 199 -9.81 -22.78 41.28
C ARG B 199 -10.57 -21.78 42.14
N MET B 200 -11.01 -22.24 43.28
CA MET B 200 -11.63 -21.39 44.28
C MET B 200 -10.72 -21.35 45.51
N ILE B 201 -10.14 -20.18 45.79
CA ILE B 201 -9.20 -20.04 46.89
C ILE B 201 -9.97 -19.55 48.10
N THR B 202 -9.93 -20.33 49.17
CA THR B 202 -10.44 -19.93 50.46
C THR B 202 -9.34 -20.09 51.50
N GLY B 203 -9.63 -19.64 52.71
CA GLY B 203 -8.65 -19.62 53.79
C GLY B 203 -9.03 -18.58 54.82
N GLU B 204 -8.28 -18.59 55.93
CA GLU B 204 -8.59 -17.67 57.02
C GLU B 204 -8.34 -16.22 56.62
N GLN B 205 -7.24 -15.94 55.94
CA GLN B 205 -6.96 -14.59 55.48
C GLN B 205 -7.88 -14.13 54.35
N VAL B 206 -8.69 -15.01 53.78
CA VAL B 206 -9.52 -14.67 52.62
C VAL B 206 -10.94 -14.47 53.09
N ASP B 207 -11.46 -13.25 52.91
CA ASP B 207 -12.88 -13.00 53.11
C ASP B 207 -13.65 -13.43 51.86
N GLY B 208 -14.53 -14.43 52.00
CA GLY B 208 -15.21 -14.96 50.83
C GLY B 208 -14.38 -16.00 50.11
N CYS B 209 -14.08 -15.79 48.84
CA CYS B 209 -13.14 -16.64 48.11
C CYS B 209 -12.48 -15.82 47.02
N VAL B 210 -11.41 -16.34 46.45
CA VAL B 210 -10.91 -15.80 45.20
C VAL B 210 -11.14 -16.84 44.13
N LEU B 211 -11.89 -16.47 43.13
CA LEU B 211 -12.19 -17.33 42.00
C LEU B 211 -11.13 -17.09 40.94
N LEU B 212 -10.40 -18.13 40.57
CA LEU B 212 -9.35 -18.02 39.56
C LEU B 212 -9.70 -18.90 38.37
N LEU B 213 -9.78 -18.30 37.20
CA LEU B 213 -9.86 -19.04 35.95
C LEU B 213 -8.48 -18.99 35.32
N VAL B 214 -7.93 -20.14 34.98
CA VAL B 214 -6.68 -20.19 34.24
C VAL B 214 -7.00 -20.77 32.88
N CYS B 215 -6.81 -19.97 31.85
CA CYS B 215 -6.90 -20.46 30.49
C CYS B 215 -5.51 -20.65 29.91
N HIS B 216 -5.45 -21.47 28.87
CA HIS B 216 -4.22 -21.47 28.06
C HIS B 216 -4.53 -20.43 26.97
N HIS B 217 -3.57 -19.60 26.60
CA HIS B 217 -3.79 -18.53 25.60
C HIS B 217 -4.41 -19.08 24.30
N ILE B 218 -4.17 -20.34 23.97
CA ILE B 218 -4.72 -20.95 22.73
C ILE B 218 -6.24 -20.82 22.73
N ALA B 219 -6.82 -20.65 23.91
CA ALA B 219 -8.28 -20.59 24.01
C ALA B 219 -8.82 -19.21 24.37
N ALA B 220 -7.97 -18.25 24.70
CA ALA B 220 -8.52 -16.99 25.19
C ALA B 220 -7.47 -15.89 25.21
N ASP B 221 -7.82 -14.72 24.72
CA ASP B 221 -7.07 -13.50 24.91
C ASP B 221 -7.76 -12.66 25.98
N GLU B 222 -7.22 -11.46 26.23
CA GLU B 222 -7.72 -10.64 27.32
C GLU B 222 -9.06 -10.01 26.98
N TRP B 223 -9.39 -9.87 25.70
CA TRP B 223 -10.74 -9.45 25.37
C TRP B 223 -11.77 -10.52 25.73
N SER B 224 -11.34 -11.73 26.06
CA SER B 224 -12.29 -12.78 26.46
C SER B 224 -12.69 -12.68 27.92
N PHE B 225 -12.05 -11.81 28.69
CA PHE B 225 -12.40 -11.71 30.10
C PHE B 225 -13.88 -11.33 30.25
N ALA B 226 -14.37 -10.36 29.46
CA ALA B 226 -15.73 -9.87 29.66
C ALA B 226 -16.74 -10.96 29.37
N PRO B 227 -16.70 -11.64 28.22
CA PRO B 227 -17.66 -12.74 27.99
C PRO B 227 -17.45 -13.95 28.89
N LEU B 228 -16.21 -14.30 29.26
CA LEU B 228 -16.04 -15.40 30.22
C LEU B 228 -16.79 -15.10 31.52
N LEU B 229 -16.64 -13.86 32.03
CA LEU B 229 -17.28 -13.54 33.30
C LEU B 229 -18.78 -13.39 33.14
N ARG B 230 -19.20 -12.71 32.06
CA ARG B 230 -20.63 -12.61 31.77
C ARG B 230 -21.26 -13.99 31.70
N ASP B 231 -20.67 -14.90 30.92
CA ASP B 231 -21.31 -16.20 30.72
C ASP B 231 -21.22 -17.07 31.97
N LEU B 232 -20.08 -17.03 32.66
CA LEU B 232 -19.97 -17.82 33.88
C LEU B 232 -20.94 -17.31 34.94
N ASP B 233 -21.09 -15.99 35.01
CA ASP B 233 -22.07 -15.42 35.94
C ASP B 233 -23.48 -15.92 35.61
N THR B 234 -23.88 -15.83 34.34
CA THR B 234 -25.20 -16.32 33.93
C THR B 234 -25.39 -17.77 34.31
N ALA B 235 -24.41 -18.63 33.96
CA ALA B 235 -24.54 -20.05 34.27
C ALA B 235 -24.55 -20.31 35.77
N TYR B 236 -23.78 -19.55 36.54
CA TYR B 236 -23.73 -19.83 37.99
C TYR B 236 -25.06 -19.45 38.64
N ARG B 237 -25.62 -18.29 38.29
CA ARG B 237 -26.89 -17.92 38.90
C ARG B 237 -28.01 -18.87 38.49
N ALA B 238 -28.02 -19.33 37.23
CA ALA B 238 -29.02 -20.29 36.79
C ALA B 238 -28.89 -21.58 37.57
N ARG B 239 -27.67 -22.14 37.63
CA ARG B 239 -27.50 -23.40 38.34
C ARG B 239 -27.73 -23.26 39.83
N ALA B 240 -27.37 -22.11 40.42
CA ALA B 240 -27.75 -21.91 41.81
C ALA B 240 -29.27 -21.98 41.96
N ALA B 241 -30.02 -21.53 40.95
CA ALA B 241 -31.48 -21.56 41.00
C ALA B 241 -32.05 -22.90 40.54
N GLY B 242 -31.21 -23.89 40.26
CA GLY B 242 -31.69 -25.20 39.87
C GLY B 242 -32.04 -25.37 38.40
N ARG B 243 -31.49 -24.58 37.48
CA ARG B 243 -31.81 -24.75 36.07
C ARG B 243 -30.60 -24.43 35.17
N ALA B 244 -30.75 -24.79 33.90
CA ALA B 244 -29.73 -24.55 32.88
C ALA B 244 -29.77 -23.08 32.45
N PRO B 245 -28.64 -22.49 32.09
CA PRO B 245 -28.66 -21.10 31.62
C PRO B 245 -29.54 -20.95 30.38
N ASP B 246 -30.17 -19.80 30.26
CA ASP B 246 -31.05 -19.49 29.14
C ASP B 246 -30.28 -18.59 28.17
N TRP B 247 -29.76 -19.17 27.09
CA TRP B 247 -28.75 -18.56 26.26
C TRP B 247 -29.20 -18.44 24.82
N GLU B 248 -29.07 -17.24 24.26
CA GLU B 248 -29.07 -17.12 22.80
C GLU B 248 -27.81 -17.77 22.24
N PRO B 249 -27.92 -18.84 21.40
CA PRO B 249 -26.71 -19.49 20.86
C PRO B 249 -25.73 -18.50 20.24
N LEU B 250 -24.46 -18.88 20.17
CA LEU B 250 -23.41 -17.96 19.73
C LEU B 250 -23.59 -17.61 18.26
N PRO B 251 -23.34 -16.36 17.88
CA PRO B 251 -23.32 -16.02 16.44
C PRO B 251 -22.25 -16.79 15.67
N ALA B 252 -21.23 -17.33 16.33
CA ALA B 252 -20.15 -18.10 15.69
C ALA B 252 -19.29 -18.75 16.77
N GLN B 253 -18.78 -19.94 16.47
CA GLN B 253 -17.71 -20.55 17.24
C GLN B 253 -16.34 -20.14 16.68
N TYR B 254 -15.30 -20.29 17.50
CA TYR B 254 -13.95 -19.90 17.07
C TYR B 254 -13.54 -20.62 15.77
N SER B 255 -13.91 -21.89 15.63
CA SER B 255 -13.67 -22.61 14.38
C SER B 255 -14.32 -21.95 13.16
N ASP B 256 -15.53 -21.40 13.31
CA ASP B 256 -16.11 -20.62 12.22
C ASP B 256 -15.21 -19.45 11.85
N TYR B 257 -14.70 -18.72 12.86
CA TYR B 257 -13.83 -17.59 12.56
C TYR B 257 -12.56 -18.07 11.88
N ALA B 258 -11.97 -19.15 12.37
CA ALA B 258 -10.72 -19.64 11.82
C ALA B 258 -10.89 -20.07 10.37
N ALA B 259 -11.98 -20.78 10.08
CA ALA B 259 -12.27 -21.21 8.72
C ALA B 259 -12.30 -20.01 7.77
N THR B 260 -13.03 -18.96 8.14
CA THR B 260 -13.16 -17.82 7.23
C THR B 260 -11.84 -17.09 7.06
N LEU B 261 -11.08 -16.98 8.15
CA LEU B 261 -9.79 -16.31 8.12
C LEU B 261 -8.83 -17.04 7.19
N HIS B 262 -8.75 -18.37 7.34
CA HIS B 262 -7.82 -19.13 6.51
C HIS B 262 -8.25 -19.14 5.04
N ASP B 263 -9.54 -19.20 4.78
CA ASP B 263 -10.03 -19.19 3.38
C ASP B 263 -9.68 -17.86 2.71
N TRP B 264 -9.78 -16.75 3.44
CA TRP B 264 -9.48 -15.41 2.89
C TRP B 264 -7.97 -15.20 2.75
N LEU B 265 -7.19 -15.60 3.76
CA LEU B 265 -5.73 -15.38 3.75
C LEU B 265 -5.11 -16.00 2.50
N GLY B 266 -5.60 -17.18 2.13
CA GLY B 266 -5.11 -17.87 0.94
C GLY B 266 -3.78 -18.54 1.17
N GLU B 267 -3.10 -18.91 0.09
CA GLU B 267 -1.81 -19.64 0.20
C GLU B 267 -0.64 -18.69 -0.05
N ALA B 268 0.45 -18.89 0.66
CA ALA B 268 1.63 -18.03 0.56
C ALA B 268 2.30 -18.11 -0.81
N THR B 269 2.07 -19.19 -1.57
CA THR B 269 2.59 -19.26 -2.92
C THR B 269 1.76 -18.46 -3.92
N ASP B 270 0.52 -18.11 -3.59
CA ASP B 270 -0.32 -17.36 -4.53
C ASP B 270 0.02 -15.87 -4.48
N PRO B 271 0.69 -15.34 -5.52
CA PRO B 271 1.12 -13.93 -5.48
C PRO B 271 0.01 -12.95 -5.13
N ALA B 272 -1.26 -13.32 -5.37
CA ALA B 272 -2.35 -12.38 -5.15
C ALA B 272 -3.03 -12.54 -3.80
N SER B 273 -2.82 -13.67 -3.11
CA SER B 273 -3.46 -13.88 -1.82
C SER B 273 -3.06 -12.80 -0.83
N PRO B 274 -3.98 -12.41 0.07
CA PRO B 274 -3.60 -11.43 1.10
C PRO B 274 -2.38 -11.86 1.92
N LEU B 275 -2.27 -13.16 2.19
CA LEU B 275 -1.11 -13.65 2.92
C LEU B 275 0.18 -13.26 2.21
N ARG B 276 0.32 -13.61 0.93
CA ARG B 276 1.56 -13.28 0.24
C ARG B 276 1.77 -11.78 0.20
N ARG B 277 0.72 -11.02 -0.10
CA ARG B 277 0.89 -9.57 -0.20
C ARG B 277 1.27 -8.98 1.15
N GLN B 278 0.72 -9.51 2.24
CA GLN B 278 1.11 -8.96 3.54
C GLN B 278 2.50 -9.45 3.94
N LEU B 279 2.80 -10.74 3.70
CA LEU B 279 4.15 -11.25 3.96
C LEU B 279 5.18 -10.45 3.20
N ASP B 280 4.85 -10.03 1.97
CA ASP B 280 5.83 -9.27 1.21
C ASP B 280 6.00 -7.88 1.80
N TYR B 281 4.92 -7.27 2.28
CA TYR B 281 5.08 -6.00 2.98
C TYR B 281 6.01 -6.16 4.18
N TRP B 282 5.80 -7.20 4.99
CA TRP B 282 6.58 -7.35 6.21
C TRP B 282 8.04 -7.63 5.91
N GLN B 283 8.30 -8.41 4.85
CA GLN B 283 9.68 -8.65 4.45
C GLN B 283 10.42 -7.34 4.20
N HIS B 284 9.79 -6.41 3.49
CA HIS B 284 10.43 -5.12 3.25
C HIS B 284 10.53 -4.31 4.53
N ALA B 285 9.42 -4.21 5.27
CA ALA B 285 9.35 -3.30 6.41
C ALA B 285 10.35 -3.66 7.50
N LEU B 286 10.68 -4.94 7.63
CA LEU B 286 11.58 -5.43 8.67
C LEU B 286 12.97 -5.76 8.13
N GLN B 287 13.36 -5.14 7.03
CA GLN B 287 14.70 -5.37 6.50
C GLN B 287 15.75 -4.80 7.44
N ASP B 288 16.82 -5.57 7.66
CA ASP B 288 17.96 -5.08 8.41
C ASP B 288 17.58 -4.87 9.89
N LEU B 289 16.75 -5.76 10.39
CA LEU B 289 16.30 -5.65 11.76
C LEU B 289 17.43 -5.98 12.73
N PRO B 290 17.61 -5.21 13.80
CA PRO B 290 18.53 -5.65 14.86
C PRO B 290 18.14 -7.04 15.35
N ASP B 291 19.15 -7.87 15.65
CA ASP B 291 18.85 -9.15 16.30
C ASP B 291 18.24 -8.92 17.68
N GLU B 292 18.72 -7.91 18.39
CA GLU B 292 18.23 -7.53 19.71
C GLU B 292 18.70 -6.12 19.98
N LEU B 293 18.18 -5.54 21.05
CA LEU B 293 18.55 -4.20 21.46
C LEU B 293 19.51 -4.27 22.64
N ASP B 294 20.31 -3.22 22.80
CA ASP B 294 21.14 -3.03 24.00
C ASP B 294 20.28 -2.49 25.14
N LEU B 295 19.73 -3.39 25.92
CA LEU B 295 18.90 -2.99 27.08
C LEU B 295 19.76 -2.90 28.34
N PRO B 296 19.32 -2.16 29.38
CA PRO B 296 20.03 -2.07 30.65
C PRO B 296 19.75 -3.30 31.51
N THR B 297 20.44 -4.40 31.24
CA THR B 297 20.14 -5.66 31.95
C THR B 297 21.02 -5.85 33.18
N ASP B 298 20.50 -6.53 34.19
CA ASP B 298 21.34 -6.92 35.32
C ASP B 298 22.22 -8.11 35.00
N ARG B 299 21.84 -8.94 34.04
CA ARG B 299 22.65 -10.08 33.64
C ARG B 299 22.63 -10.20 32.13
N PRO B 300 23.69 -10.72 31.52
CA PRO B 300 23.66 -10.96 30.08
C PRO B 300 22.66 -12.07 29.76
N ARG B 301 22.25 -12.12 28.50
CA ARG B 301 21.26 -13.12 28.10
C ARG B 301 21.84 -14.53 28.30
N PRO B 302 21.12 -15.44 28.97
CA PRO B 302 21.63 -16.80 29.16
C PRO B 302 21.55 -17.63 27.88
N ALA B 303 22.17 -18.80 27.94
CA ALA B 303 22.22 -19.67 26.77
C ALA B 303 20.92 -20.42 26.60
N THR B 304 20.17 -20.57 27.57
CA THR B 304 18.84 -21.16 27.63
C THR B 304 17.92 -20.30 28.49
N ALA B 305 16.78 -19.98 27.96
CA ALA B 305 15.83 -19.11 28.66
C ALA B 305 15.09 -19.92 29.72
N SER B 306 15.04 -19.40 30.94
CA SER B 306 14.27 -20.06 31.99
C SER B 306 12.79 -19.68 31.98
N HIS B 307 12.41 -18.61 31.26
CA HIS B 307 11.07 -18.03 31.30
C HIS B 307 10.57 -17.75 32.71
N ARG B 308 11.44 -17.70 33.71
CA ARG B 308 10.99 -17.17 34.98
C ARG B 308 10.82 -15.66 34.86
N GLY B 309 9.94 -15.11 35.67
CA GLY B 309 9.67 -13.70 35.48
C GLY B 309 9.12 -13.09 36.74
N GLY B 310 8.95 -11.77 36.66
CA GLY B 310 8.30 -11.03 37.71
C GLY B 310 7.37 -10.00 37.12
N LEU B 311 6.66 -9.33 38.03
CA LEU B 311 5.73 -8.29 37.62
C LEU B 311 5.90 -7.06 38.51
N ALA B 312 6.34 -5.96 37.90
CA ALA B 312 6.47 -4.65 38.57
C ALA B 312 5.38 -3.73 38.04
N ARG B 313 4.65 -3.07 38.94
CA ARG B 313 3.57 -2.16 38.57
C ARG B 313 3.92 -0.72 38.93
N ALA B 314 3.54 0.21 38.05
CA ALA B 314 3.55 1.64 38.40
C ALA B 314 2.11 2.12 38.42
N GLU B 315 1.63 2.49 39.61
CA GLU B 315 0.32 3.13 39.71
C GLU B 315 0.33 4.48 39.01
N LEU B 316 -0.78 4.80 38.36
CA LEU B 316 -0.90 6.07 37.66
C LEU B 316 -1.96 6.92 38.34
N PRO B 317 -1.63 8.11 38.81
CA PRO B 317 -2.66 8.98 39.42
C PRO B 317 -3.75 9.27 38.40
N PRO B 318 -5.03 9.31 38.82
CA PRO B 318 -6.12 9.67 37.89
C PRO B 318 -5.85 10.89 37.03
N GLU B 319 -5.14 11.90 37.53
CA GLU B 319 -4.82 13.08 36.75
C GLU B 319 -3.92 12.75 35.56
N LEU B 320 -2.92 11.88 35.78
CA LEU B 320 -2.05 11.47 34.68
C LEU B 320 -2.83 10.67 33.64
N VAL B 321 -3.73 9.80 34.08
CA VAL B 321 -4.52 9.01 33.14
C VAL B 321 -5.34 9.94 32.24
N GLU B 322 -5.84 11.03 32.82
CA GLU B 322 -6.63 11.98 32.03
C GLU B 322 -5.72 12.79 31.10
N ALA B 323 -4.51 13.16 31.54
CA ALA B 323 -3.59 13.88 30.65
C ALA B 323 -3.12 13.02 29.48
N VAL B 324 -2.90 11.72 29.70
CA VAL B 324 -2.54 10.84 28.58
C VAL B 324 -3.69 10.78 27.56
N ARG B 325 -4.92 10.58 28.04
CA ARG B 325 -6.08 10.58 27.15
C ARG B 325 -6.19 11.90 26.39
N ARG B 326 -6.11 13.02 27.11
CA ARG B 326 -6.12 14.33 26.47
C ARG B 326 -4.99 14.46 25.46
N LEU B 327 -3.79 14.00 25.83
CA LEU B 327 -2.67 14.01 24.89
C LEU B 327 -2.98 13.18 23.64
N ALA B 328 -3.55 11.99 23.83
CA ALA B 328 -3.93 11.16 22.69
C ALA B 328 -4.95 11.88 21.79
N ALA B 329 -6.06 12.31 22.39
CA ALA B 329 -7.09 13.02 21.60
C ALA B 329 -6.53 14.29 20.94
N GLN B 330 -5.64 15.02 21.62
CA GLN B 330 -5.11 16.25 21.05
C GLN B 330 -4.30 16.00 19.80
N HIS B 331 -3.51 14.93 19.77
CA HIS B 331 -2.66 14.65 18.62
C HIS B 331 -3.29 13.64 17.68
N GLY B 332 -4.53 13.24 17.93
CA GLY B 332 -5.17 12.25 17.07
C GLY B 332 -4.47 10.91 17.03
N VAL B 333 -4.14 10.35 18.20
CA VAL B 333 -3.60 9.01 18.28
C VAL B 333 -4.34 8.28 19.42
N THR B 334 -4.11 6.98 19.49
CA THR B 334 -4.66 6.21 20.59
C THR B 334 -3.76 6.35 21.83
N VAL B 335 -4.32 5.99 22.98
CA VAL B 335 -3.53 5.88 24.19
C VAL B 335 -2.41 4.87 23.98
N PHE B 336 -2.71 3.76 23.28
CA PHE B 336 -1.69 2.79 22.95
C PHE B 336 -0.51 3.45 22.25
N MET B 337 -0.77 4.30 21.26
CA MET B 337 0.33 4.92 20.52
C MET B 337 1.15 5.82 21.42
N VAL B 338 0.51 6.48 22.37
CA VAL B 338 1.29 7.30 23.30
C VAL B 338 2.18 6.40 24.17
N VAL B 339 1.66 5.27 24.66
CA VAL B 339 2.46 4.37 25.48
C VAL B 339 3.60 3.79 24.66
N GLN B 340 3.29 3.38 23.43
CA GLN B 340 4.30 2.85 22.54
C GLN B 340 5.43 3.85 22.34
N ALA B 341 5.09 5.11 22.05
CA ALA B 341 6.14 6.11 21.84
C ALA B 341 6.93 6.34 23.11
N ALA B 342 6.25 6.39 24.27
CA ALA B 342 6.96 6.55 25.53
C ALA B 342 7.91 5.38 25.79
N VAL B 343 7.50 4.16 25.43
CA VAL B 343 8.39 3.01 25.62
C VAL B 343 9.59 3.11 24.70
N ALA B 344 9.37 3.55 23.46
CA ALA B 344 10.48 3.76 22.53
C ALA B 344 11.46 4.81 23.07
N VAL B 345 10.95 5.96 23.51
CA VAL B 345 11.81 6.96 24.14
C VAL B 345 12.60 6.35 25.29
N LEU B 346 11.92 5.64 26.19
CA LEU B 346 12.60 5.06 27.32
C LEU B 346 13.77 4.17 26.87
N LEU B 347 13.51 3.24 25.94
CA LEU B 347 14.58 2.35 25.51
C LEU B 347 15.68 3.15 24.80
N HIS B 348 15.28 4.14 24.03
CA HIS B 348 16.23 5.03 23.38
C HIS B 348 17.16 5.69 24.40
N ARG B 349 16.59 6.29 25.43
CA ARG B 349 17.39 7.00 26.46
C ARG B 349 18.29 6.00 27.19
N LEU B 350 18.01 4.72 27.06
CA LEU B 350 18.78 3.69 27.80
C LEU B 350 19.89 3.14 26.89
N GLY B 351 20.03 3.70 25.70
CA GLY B 351 21.14 3.29 24.81
C GLY B 351 20.75 2.30 23.73
N ALA B 352 19.44 2.05 23.55
CA ALA B 352 18.99 1.03 22.59
C ALA B 352 19.17 1.52 21.15
N GLY B 353 19.46 2.80 20.95
CA GLY B 353 19.64 3.28 19.59
C GLY B 353 18.41 3.97 19.03
N ASP B 354 18.40 4.11 17.69
CA ASP B 354 17.36 4.84 16.98
C ASP B 354 16.32 3.93 16.32
N ASP B 355 16.61 2.63 16.18
CA ASP B 355 15.76 1.67 15.46
C ASP B 355 15.16 0.73 16.51
N ILE B 356 13.93 1.02 16.93
CA ILE B 356 13.30 0.33 18.06
C ILE B 356 12.14 -0.52 17.56
N PRO B 357 12.33 -1.83 17.36
CA PRO B 357 11.21 -2.73 17.05
C PRO B 357 10.51 -3.16 18.32
N LEU B 358 9.22 -2.87 18.41
CA LEU B 358 8.42 -3.21 19.57
C LEU B 358 7.35 -4.19 19.12
N GLY B 359 7.28 -5.33 19.79
CA GLY B 359 6.18 -6.23 19.54
C GLY B 359 4.88 -5.67 20.09
N SER B 360 3.78 -5.99 19.41
CA SER B 360 2.52 -5.56 19.93
C SER B 360 1.40 -6.48 19.44
N PRO B 361 0.55 -6.97 20.34
CA PRO B 361 -0.60 -7.78 19.90
C PRO B 361 -1.71 -6.88 19.34
N VAL B 362 -2.35 -7.37 18.28
CA VAL B 362 -3.39 -6.63 17.60
C VAL B 362 -4.58 -7.56 17.44
N ALA B 363 -5.74 -7.11 17.88
CA ALA B 363 -6.93 -7.95 17.96
C ALA B 363 -7.63 -8.00 16.61
N ASP B 364 -8.05 -9.20 16.22
CA ASP B 364 -8.75 -9.36 14.95
C ASP B 364 -10.22 -9.58 15.23
N ARG B 365 -10.86 -8.63 15.91
CA ARG B 365 -12.22 -8.82 16.41
C ARG B 365 -13.23 -7.88 15.78
N ALA B 366 -12.95 -7.33 14.59
CA ALA B 366 -13.85 -6.34 14.01
C ALA B 366 -15.18 -6.96 13.60
N ASP B 367 -15.16 -8.19 13.09
CA ASP B 367 -16.40 -8.85 12.70
C ASP B 367 -17.34 -8.98 13.91
N GLU B 368 -18.61 -8.57 13.72
CA GLU B 368 -19.57 -8.52 14.82
C GLU B 368 -19.82 -9.90 15.44
N ALA B 369 -19.68 -10.96 14.65
CA ALA B 369 -19.85 -12.31 15.15
C ALA B 369 -18.78 -12.74 16.16
N VAL B 370 -17.66 -12.03 16.28
CA VAL B 370 -16.64 -12.39 17.26
C VAL B 370 -16.19 -11.20 18.11
N HIS B 371 -16.72 -9.99 17.84
CA HIS B 371 -16.33 -8.80 18.59
C HIS B 371 -16.34 -9.05 20.10
N ASP B 372 -17.31 -9.83 20.59
CA ASP B 372 -17.52 -9.95 22.02
C ASP B 372 -17.50 -11.40 22.50
N THR B 373 -16.76 -12.27 21.82
CA THR B 373 -16.75 -13.70 22.14
C THR B 373 -15.42 -14.17 22.75
N VAL B 374 -15.41 -15.46 23.12
CA VAL B 374 -14.28 -16.10 23.80
C VAL B 374 -13.35 -16.73 22.79
N GLY B 375 -12.08 -16.35 22.84
CA GLY B 375 -11.09 -17.01 22.00
C GLY B 375 -9.85 -16.17 21.89
N PHE B 376 -8.91 -16.69 21.12
CA PHE B 376 -7.63 -16.02 20.93
C PHE B 376 -7.60 -15.36 19.57
N PHE B 377 -7.62 -14.04 19.56
CA PHE B 377 -7.76 -13.26 18.34
C PHE B 377 -6.59 -12.29 18.14
N LEU B 378 -5.45 -12.55 18.79
CA LEU B 378 -4.35 -11.60 18.80
C LEU B 378 -3.31 -12.09 17.81
N ASN B 379 -3.11 -11.35 16.75
CA ASN B 379 -1.87 -11.53 16.02
C ASN B 379 -0.83 -10.63 16.65
N THR B 380 0.44 -10.95 16.41
CA THR B 380 1.55 -10.16 16.91
C THR B 380 2.22 -9.46 15.75
N LEU B 381 2.36 -8.14 15.85
CA LEU B 381 3.00 -7.33 14.83
C LEU B 381 4.26 -6.70 15.40
N VAL B 382 5.22 -6.44 14.52
CA VAL B 382 6.43 -5.72 14.89
C VAL B 382 6.28 -4.28 14.44
N LEU B 383 6.21 -3.37 15.40
CA LEU B 383 6.04 -1.96 15.13
C LEU B 383 7.40 -1.31 15.27
N ARG B 384 7.99 -0.96 14.14
CA ARG B 384 9.38 -0.56 14.09
C ARG B 384 9.40 0.95 13.98
N VAL B 385 9.61 1.62 15.09
CA VAL B 385 9.59 3.08 15.09
C VAL B 385 11.03 3.56 15.05
N ASN B 386 11.26 4.60 14.25
CA ASN B 386 12.57 5.18 14.11
C ASN B 386 12.62 6.48 14.89
N LEU B 387 13.67 6.66 15.70
CA LEU B 387 13.85 7.82 16.54
C LEU B 387 15.02 8.69 16.09
N SER B 388 15.42 8.58 14.83
CA SER B 388 16.53 9.37 14.31
C SER B 388 16.08 10.81 14.08
N GLY B 389 17.05 11.67 13.73
CA GLY B 389 16.84 13.09 13.92
C GLY B 389 16.77 13.31 15.42
N ASN B 390 16.24 14.47 15.82
CA ASN B 390 15.95 14.71 17.22
C ASN B 390 14.47 15.07 17.35
N PRO B 391 13.58 14.10 17.13
CA PRO B 391 12.16 14.42 17.14
C PRO B 391 11.73 14.91 18.52
N THR B 392 10.78 15.83 18.51
CA THR B 392 9.98 16.07 19.69
C THR B 392 9.08 14.87 19.95
N PHE B 393 8.44 14.85 21.13
CA PHE B 393 7.51 13.76 21.39
C PHE B 393 6.31 13.83 20.46
N ALA B 394 5.83 15.05 20.19
CA ALA B 394 4.72 15.21 19.25
C ALA B 394 5.12 14.77 17.86
N ASP B 395 6.37 15.07 17.46
CA ASP B 395 6.94 14.49 16.26
C ASP B 395 6.86 12.97 16.27
N LEU B 396 7.33 12.36 17.37
CA LEU B 396 7.36 10.91 17.46
C LEU B 396 5.96 10.32 17.36
N LEU B 397 4.98 10.99 17.99
CA LEU B 397 3.59 10.55 17.89
C LEU B 397 3.15 10.48 16.43
N ASP B 398 3.48 11.51 15.64
CA ASP B 398 3.25 11.47 14.19
C ASP B 398 3.91 10.24 13.56
N ARG B 399 5.20 10.02 13.86
CA ARG B 399 5.91 8.87 13.33
C ARG B 399 5.27 7.56 13.77
N VAL B 400 4.87 7.47 15.04
CA VAL B 400 4.28 6.23 15.53
C VAL B 400 2.96 5.94 14.82
N ARG B 401 2.12 6.97 14.63
CA ARG B 401 0.82 6.76 14.01
C ARG B 401 0.99 6.18 12.60
N ALA B 402 1.89 6.76 11.82
CA ALA B 402 2.06 6.29 10.44
C ALA B 402 2.64 4.88 10.41
N VAL B 403 3.68 4.62 11.21
CA VAL B 403 4.19 3.26 11.33
C VAL B 403 3.05 2.32 11.70
N ASP B 404 2.22 2.73 12.66
CA ASP B 404 1.20 1.83 13.20
C ASP B 404 0.08 1.58 12.19
N LEU B 405 -0.39 2.64 11.50
CA LEU B 405 -1.46 2.46 10.54
C LEU B 405 -0.99 1.67 9.32
N GLU B 406 0.25 1.91 8.86
CA GLU B 406 0.83 1.03 7.85
C GLU B 406 0.82 -0.42 8.33
N ALA B 407 1.26 -0.66 9.58
CA ALA B 407 1.29 -2.02 10.12
C ALA B 407 -0.10 -2.61 10.23
N PHE B 408 -1.05 -1.83 10.77
CA PHE B 408 -2.40 -2.34 10.99
C PHE B 408 -3.08 -2.78 9.68
N ALA B 409 -2.70 -2.20 8.55
CA ALA B 409 -3.26 -2.64 7.28
C ALA B 409 -2.70 -3.99 6.81
N ARG B 410 -1.63 -4.50 7.42
CA ARG B 410 -1.14 -5.84 7.07
C ARG B 410 -1.08 -6.69 8.34
N ALA B 411 -2.20 -6.70 9.08
CA ALA B 411 -2.26 -7.30 10.41
C ALA B 411 -2.71 -8.76 10.39
N ASP B 412 -3.05 -9.32 9.24
CA ASP B 412 -3.54 -10.69 9.17
C ASP B 412 -2.45 -11.71 8.90
N ALA B 413 -1.28 -11.31 8.43
CA ALA B 413 -0.19 -12.26 8.17
C ALA B 413 0.25 -12.86 9.50
N PRO B 414 0.09 -14.16 9.71
CA PRO B 414 0.46 -14.74 11.01
C PRO B 414 1.90 -14.41 11.36
N PHE B 415 2.13 -14.09 12.64
CA PHE B 415 3.48 -13.74 13.06
C PHE B 415 4.48 -14.86 12.76
N ASP B 416 4.09 -16.12 12.92
CA ASP B 416 5.06 -17.19 12.68
C ASP B 416 5.51 -17.21 11.22
N ALA B 417 4.61 -16.89 10.28
CA ALA B 417 5.00 -16.76 8.88
C ALA B 417 5.80 -15.49 8.62
N VAL B 418 5.58 -14.42 9.41
CA VAL B 418 6.45 -13.27 9.29
C VAL B 418 7.89 -13.63 9.69
N VAL B 419 8.06 -14.39 10.78
CA VAL B 419 9.39 -14.82 11.21
C VAL B 419 10.03 -15.69 10.13
N ASP B 420 9.28 -16.68 9.62
CA ASP B 420 9.80 -17.54 8.57
C ASP B 420 10.34 -16.72 7.42
N THR B 421 9.54 -15.74 6.95
CA THR B 421 9.90 -14.90 5.82
C THR B 421 11.09 -14.01 6.11
N VAL B 422 11.08 -13.35 7.26
CA VAL B 422 12.16 -12.43 7.58
C VAL B 422 13.46 -13.21 7.81
N LYS B 423 13.36 -14.43 8.35
CA LYS B 423 14.46 -15.39 8.48
C LYS B 423 15.55 -14.88 9.42
N PRO B 424 15.21 -14.40 10.62
CA PRO B 424 16.24 -13.88 11.49
C PRO B 424 17.08 -15.02 12.04
N PRO B 425 18.29 -14.73 12.51
CA PRO B 425 19.07 -15.74 13.21
C PRO B 425 18.36 -16.11 14.50
N ARG B 426 18.28 -17.40 14.79
CA ARG B 426 17.36 -17.85 15.82
C ARG B 426 18.12 -18.44 17.00
N ALA B 427 17.65 -18.13 18.21
CA ALA B 427 18.28 -18.63 19.42
C ALA B 427 17.20 -18.90 20.46
N VAL B 428 17.38 -20.02 21.16
CA VAL B 428 16.45 -20.56 22.12
C VAL B 428 16.22 -19.62 23.31
N SER B 429 17.09 -18.63 23.49
CA SER B 429 17.04 -17.73 24.63
C SER B 429 16.64 -16.31 24.23
N ARG B 430 16.25 -16.08 22.99
CA ARG B 430 15.89 -14.75 22.54
C ARG B 430 14.68 -14.85 21.62
N HIS B 431 13.60 -14.17 21.99
CA HIS B 431 12.42 -14.12 21.08
C HIS B 431 12.80 -13.44 19.76
N PRO B 432 12.37 -14.00 18.63
CA PRO B 432 12.70 -13.43 17.33
C PRO B 432 12.03 -12.10 16.95
N LEU B 433 12.78 -11.20 16.28
CA LEU B 433 12.27 -9.91 15.73
C LEU B 433 12.08 -8.84 16.82
N PHE B 434 11.56 -9.21 17.98
CA PHE B 434 11.45 -8.23 19.08
C PHE B 434 11.63 -8.94 20.40
N GLN B 435 12.12 -8.21 21.40
CA GLN B 435 12.15 -8.77 22.74
C GLN B 435 11.43 -7.92 23.78
N THR B 436 10.90 -6.78 23.38
CA THR B 436 10.06 -5.94 24.21
C THR B 436 8.68 -5.84 23.57
N MET B 437 7.66 -6.16 24.34
CA MET B 437 6.29 -6.00 23.86
C MET B 437 5.62 -4.86 24.61
N VAL B 438 4.73 -4.14 23.89
CA VAL B 438 3.90 -3.10 24.49
C VAL B 438 2.46 -3.37 24.12
N SER B 439 1.55 -3.24 25.08
CA SER B 439 0.12 -3.38 24.80
C SER B 439 -0.70 -2.45 25.69
N TYR B 440 -1.90 -2.19 25.25
CA TYR B 440 -2.91 -1.49 26.00
C TYR B 440 -4.03 -2.48 26.26
N GLN B 441 -4.48 -2.56 27.51
CA GLN B 441 -5.57 -3.46 27.82
C GLN B 441 -6.59 -2.71 28.66
N ARG B 442 -7.83 -3.18 28.61
CA ARG B 442 -8.92 -2.56 29.36
C ARG B 442 -9.74 -3.67 30.00
N ARG B 443 -9.75 -3.72 31.31
CA ARG B 443 -10.47 -4.78 32.01
C ARG B 443 -11.98 -4.60 31.89
N PRO B 444 -12.76 -5.67 32.10
CA PRO B 444 -14.22 -5.54 31.98
C PRO B 444 -14.77 -4.51 32.96
N SER B 445 -15.75 -3.77 32.49
CA SER B 445 -16.56 -2.94 33.37
C SER B 445 -17.75 -3.75 33.88
N ASP B 446 -18.40 -3.24 34.94
CA ASP B 446 -19.64 -3.80 35.46
C ASP B 446 -19.48 -5.27 35.86
N VAL B 447 -18.41 -5.54 36.61
CA VAL B 447 -18.20 -6.88 37.17
C VAL B 447 -18.12 -6.77 38.68
N ASP B 448 -18.84 -5.81 39.26
CA ASP B 448 -18.73 -5.62 40.70
C ASP B 448 -19.79 -6.39 41.47
N ARG B 449 -20.73 -7.05 40.79
CA ARG B 449 -21.82 -7.71 41.50
C ARG B 449 -22.12 -9.06 40.89
N LEU B 450 -21.09 -9.81 40.53
CA LEU B 450 -21.25 -11.11 39.90
C LEU B 450 -21.64 -12.16 40.93
N PHE B 451 -22.31 -13.21 40.46
CA PHE B 451 -22.64 -14.40 41.26
C PHE B 451 -23.56 -14.08 42.42
N GLY B 452 -24.28 -12.96 42.35
CA GLY B 452 -25.07 -12.54 43.48
C GLY B 452 -24.28 -12.07 44.68
N ALA B 453 -23.01 -11.67 44.48
CA ALA B 453 -22.22 -11.17 45.59
C ALA B 453 -21.53 -9.87 45.22
N ALA B 454 -20.58 -9.43 46.05
CA ALA B 454 -19.73 -8.27 45.77
C ALA B 454 -18.42 -8.80 45.20
N THR B 455 -18.13 -8.36 43.99
CA THR B 455 -16.97 -8.93 43.28
C THR B 455 -15.99 -7.83 42.82
N ARG B 456 -14.74 -8.21 42.68
CA ARG B 456 -13.68 -7.27 42.23
C ARG B 456 -12.59 -8.08 41.54
N LEU B 457 -12.13 -7.59 40.40
CA LEU B 457 -11.02 -8.28 39.71
C LEU B 457 -9.74 -8.12 40.55
N VAL B 458 -8.93 -9.16 40.57
CA VAL B 458 -7.65 -9.16 41.33
C VAL B 458 -6.53 -9.39 40.31
N GLU B 459 -5.51 -8.53 40.32
CA GLU B 459 -4.37 -8.73 39.40
C GLU B 459 -3.46 -9.82 39.98
N VAL B 460 -2.87 -10.63 39.12
CA VAL B 460 -2.01 -11.75 39.56
C VAL B 460 -0.55 -11.41 39.29
N PRO B 461 0.33 -11.53 40.30
CA PRO B 461 1.77 -11.29 40.11
C PRO B 461 2.48 -12.47 39.43
N LEU B 462 2.55 -12.47 38.10
CA LEU B 462 3.08 -13.60 37.35
C LEU B 462 4.49 -14.03 37.80
N ASP B 463 4.71 -15.34 37.82
CA ASP B 463 6.02 -15.95 38.09
C ASP B 463 6.83 -16.24 36.83
N THR B 464 6.30 -15.89 35.66
CA THR B 464 6.82 -16.29 34.37
C THR B 464 6.93 -15.05 33.52
N ALA B 465 7.64 -15.15 32.40
CA ALA B 465 7.74 -14.05 31.44
C ALA B 465 7.95 -14.60 30.04
N LYS B 466 7.32 -13.96 29.06
CA LYS B 466 7.43 -14.41 27.68
C LYS B 466 8.65 -13.84 26.95
N PHE B 467 9.03 -12.60 27.25
CA PHE B 467 10.06 -11.89 26.48
C PHE B 467 11.09 -11.29 27.45
N ASP B 468 11.97 -10.41 26.99
CA ASP B 468 12.79 -9.66 27.95
C ASP B 468 11.92 -8.71 28.78
N LEU B 469 11.09 -7.90 28.11
CA LEU B 469 10.25 -6.91 28.75
C LEU B 469 8.85 -6.95 28.13
N GLU B 470 7.81 -6.87 28.96
CA GLU B 470 6.48 -6.66 28.39
C GLU B 470 5.79 -5.59 29.23
N PHE B 471 5.52 -4.44 28.60
CA PHE B 471 4.82 -3.31 29.18
C PHE B 471 3.34 -3.35 28.78
N ALA B 472 2.47 -3.23 29.78
CA ALA B 472 1.04 -3.13 29.53
C ALA B 472 0.49 -1.92 30.27
N PHE B 473 -0.16 -1.02 29.53
CA PHE B 473 -0.99 0.03 30.11
C PHE B 473 -2.36 -0.60 30.29
N ILE B 474 -2.74 -0.86 31.55
CA ILE B 474 -3.96 -1.58 31.91
C ILE B 474 -4.96 -0.62 32.57
N GLU B 475 -6.11 -0.41 31.93
CA GLU B 475 -7.21 0.32 32.56
C GLU B 475 -8.12 -0.66 33.28
N ASP B 476 -8.51 -0.32 34.51
CA ASP B 476 -9.25 -1.28 35.32
C ASP B 476 -10.74 -1.34 34.96
N GLY B 477 -11.20 -0.56 34.00
CA GLY B 477 -12.59 -0.62 33.62
C GLY B 477 -13.51 0.25 34.45
N HIS B 478 -12.99 0.98 35.45
CA HIS B 478 -13.77 1.97 36.19
C HIS B 478 -12.88 3.19 36.47
N GLY B 479 -12.33 3.79 35.40
CA GLY B 479 -11.46 4.95 35.55
C GLY B 479 -9.96 4.70 35.68
N GLY B 480 -9.53 3.97 36.71
CA GLY B 480 -8.12 3.88 37.03
C GLY B 480 -7.27 3.20 35.96
N ALA B 481 -5.96 3.36 36.10
CA ALA B 481 -5.04 2.66 35.20
C ALA B 481 -3.69 2.48 35.88
N HIS B 482 -2.98 1.42 35.48
CA HIS B 482 -1.61 1.23 35.94
C HIS B 482 -0.78 0.65 34.80
N ILE B 483 0.53 0.78 34.93
CA ILE B 483 1.47 0.16 34.00
C ILE B 483 2.02 -1.09 34.65
N ALA B 484 1.96 -2.22 33.95
CA ALA B 484 2.52 -3.47 34.42
C ALA B 484 3.70 -3.83 33.56
N LEU B 485 4.81 -4.15 34.20
CA LEU B 485 6.01 -4.63 33.50
C LEU B 485 6.23 -6.08 33.92
N ASN B 486 6.05 -6.98 32.96
CA ASN B 486 6.36 -8.40 33.11
C ASN B 486 7.75 -8.57 32.49
N TYR B 487 8.75 -8.86 33.33
CA TYR B 487 10.16 -8.87 32.95
C TYR B 487 10.74 -10.25 33.15
N ALA B 488 11.72 -10.56 32.31
CA ALA B 488 12.46 -11.82 32.38
C ALA B 488 13.42 -11.74 33.56
N ALA B 489 13.19 -12.57 34.58
CA ALA B 489 14.06 -12.61 35.76
C ALA B 489 15.47 -13.08 35.42
N ASP B 490 15.67 -13.76 34.28
CA ASP B 490 17.03 -14.09 33.86
C ASP B 490 17.82 -12.83 33.56
N LEU B 491 17.15 -11.76 33.17
CA LEU B 491 17.83 -10.56 32.73
C LEU B 491 17.77 -9.42 33.74
N PHE B 492 16.71 -9.33 34.54
CA PHE B 492 16.48 -8.17 35.39
C PHE B 492 16.19 -8.61 36.82
N ASP B 493 16.72 -7.83 37.76
CA ASP B 493 16.27 -7.92 39.14
C ASP B 493 14.95 -7.18 39.29
N HIS B 494 14.21 -7.53 40.35
CA HIS B 494 12.93 -6.87 40.58
C HIS B 494 13.10 -5.37 40.80
N ASP B 495 14.15 -4.94 41.51
CA ASP B 495 14.24 -3.51 41.75
C ASP B 495 14.55 -2.76 40.46
N SER B 496 15.34 -3.36 39.57
CA SER B 496 15.57 -2.74 38.24
C SER B 496 14.26 -2.62 37.46
N ALA B 497 13.38 -3.61 37.58
CA ALA B 497 12.14 -3.54 36.83
C ALA B 497 11.26 -2.43 37.39
N GLU B 498 11.18 -2.34 38.73
CA GLU B 498 10.45 -1.26 39.38
C GLU B 498 10.95 0.12 38.94
N GLN B 499 12.27 0.30 38.81
CA GLN B 499 12.78 1.59 38.34
C GLN B 499 12.43 1.81 36.88
N LEU B 500 12.46 0.73 36.08
CA LEU B 500 12.15 0.88 34.65
C LEU B 500 10.70 1.29 34.44
N VAL B 501 9.78 0.70 35.19
CA VAL B 501 8.38 1.07 35.01
C VAL B 501 8.11 2.44 35.62
N ALA B 502 8.84 2.80 36.67
CA ALA B 502 8.74 4.16 37.22
C ALA B 502 9.25 5.18 36.21
N ARG B 503 10.37 4.89 35.53
CA ARG B 503 10.85 5.76 34.46
C ARG B 503 9.86 5.88 33.31
N LEU B 504 9.21 4.76 32.93
CA LEU B 504 8.18 4.89 31.89
C LEU B 504 7.10 5.88 32.32
N ARG B 505 6.64 5.80 33.57
CA ARG B 505 5.70 6.79 34.06
CA ARG B 505 5.70 6.79 34.07
C ARG B 505 6.25 8.20 33.92
N THR B 506 7.54 8.37 34.18
CA THR B 506 8.15 9.69 34.13
C THR B 506 8.21 10.22 32.70
N VAL B 507 8.47 9.34 31.73
CA VAL B 507 8.44 9.78 30.33
C VAL B 507 7.03 10.20 29.93
N LEU B 508 5.99 9.46 30.38
CA LEU B 508 4.62 9.88 30.08
C LEU B 508 4.32 11.22 30.70
N GLU B 509 4.71 11.39 31.97
CA GLU B 509 4.46 12.64 32.65
C GLU B 509 5.11 13.79 31.89
N HIS B 510 6.39 13.63 31.49
CA HIS B 510 7.05 14.69 30.74
C HIS B 510 6.35 14.93 29.41
N ALA B 511 5.96 13.84 28.73
CA ALA B 511 5.34 13.99 27.43
C ALA B 511 4.05 14.78 27.54
N CYS B 512 3.30 14.60 28.63
CA CYS B 512 2.04 15.33 28.77
C CYS B 512 2.28 16.81 29.12
N ALA B 513 3.23 17.09 30.02
CA ALA B 513 3.52 18.48 30.40
C ALA B 513 3.96 19.30 29.20
N ASP B 514 4.86 18.77 28.36
CA ASP B 514 5.33 19.49 27.18
C ASP B 514 5.64 18.51 26.07
N PRO B 515 4.68 18.25 25.16
CA PRO B 515 4.94 17.37 24.01
C PRO B 515 5.93 17.92 22.97
N CYS B 516 6.32 19.19 23.07
CA CYS B 516 7.19 19.82 22.04
C CYS B 516 8.67 19.74 22.43
N ARG B 517 8.97 19.25 23.63
CA ARG B 517 10.39 19.08 24.06
C ARG B 517 11.02 17.88 23.35
N PRO B 518 12.30 17.96 22.97
CA PRO B 518 12.98 16.85 22.32
C PRO B 518 13.04 15.59 23.19
N VAL B 519 13.03 14.42 22.56
CA VAL B 519 13.01 13.11 23.29
C VAL B 519 14.39 12.84 23.92
C01 YJI C . -23.64 -20.23 -15.63
C02 YJI C . -23.21 -21.14 -16.78
C03 YJI C . -22.65 -20.28 -17.93
C09 YJI C . -24.45 -21.88 -17.36
C10 YJI C . -25.15 -22.71 -16.28
C12 YJI C . -27.08 -22.83 -14.65
C13 YJI C . -28.14 -23.83 -15.07
C14 YJI C . -29.04 -24.25 -13.91
C16 YJI C . -30.90 -25.61 -12.96
C17 YJI C . -30.30 -26.73 -12.09
C19 YJI C . -32.81 -27.68 -10.50
C20 YJI C . -34.04 -27.00 -11.10
C25 YJI C . -22.12 -22.11 -16.32
N11 YJI C . -26.36 -22.14 -15.70
N15 YJI C . -30.05 -25.26 -14.09
O04 YJI C . -21.42 -19.62 -17.67
O06 YJI C . -19.79 -18.69 -19.51
O07 YJI C . -21.18 -17.01 -18.20
O21 YJI C . -35.21 -27.29 -10.37
O22 YJI C . -28.91 -23.76 -12.84
O23 YJI C . -24.73 -23.78 -15.93
O24 YJI C . -24.11 -22.70 -18.43
P05 YJI C . -21.06 -18.42 -18.76
S18 YJI C . -31.55 -28.04 -11.79
H012 YJI C . -22.89 -19.46 -15.46
H013 YJI C . -23.74 -20.83 -14.72
H011 YJI C . -24.59 -19.77 -15.86
H032 YJI C . -22.49 -20.93 -18.78
H031 YJI C . -23.38 -19.53 -18.18
H091 YJI C . -25.12 -21.10 -17.71
H122 YJI C . -27.56 -22.08 -14.04
H121 YJI C . -26.34 -23.36 -14.05
H131 YJI C . -27.65 -24.71 -15.48
H132 YJI C . -28.74 -23.39 -15.86
H162 YJI C . -31.05 -24.74 -12.35
H161 YJI C . -31.86 -25.96 -13.35
H172 YJI C . -29.99 -26.30 -11.14
H171 YJI C . -29.45 -27.16 -12.59
H191 YJI C . -32.37 -27.03 -9.75
H192 YJI C . -33.10 -28.61 -10.02
H202 YJI C . -33.89 -25.92 -11.11
H201 YJI C . -34.18 -27.34 -12.12
H251 YJI C . -21.45 -21.60 -15.62
H253 YJI C . -21.55 -22.45 -17.17
H252 YJI C . -22.59 -22.95 -15.82
H111 YJI C . -26.71 -21.27 -16.05
H151 YJI C . -30.17 -25.69 -14.98
H211 YJI C . -35.01 -27.27 -9.44
H241 YJI C . -23.81 -23.54 -18.09
C01 YJI D . -30.62 17.18 4.25
C02 YJI D . -30.71 18.21 5.37
C03 YJI D . -30.42 17.54 6.73
C09 YJI D . -32.11 18.83 5.35
C10 YJI D . -32.32 19.84 4.21
C12 YJI D . -33.36 20.34 1.97
C13 YJI D . -34.79 20.84 1.71
C14 YJI D . -34.92 21.32 0.26
C16 YJI D . -36.57 23.35 0.27
C17 YJI D . -36.87 24.56 -0.64
C19 YJI D . -37.33 24.95 -3.51
C20 YJI D . -37.00 24.37 -4.90
C25 YJI D . -29.69 19.34 5.13
N11 YJI D . -33.14 19.43 3.08
N15 YJI D . -35.70 22.40 -0.37
O04 YJI D . -29.24 16.75 6.68
O06 YJI D . -29.23 15.91 9.20
O07 YJI D . -29.77 14.28 7.45
O21 YJI D . -38.18 23.91 -5.51
O22 YJI D . -34.27 20.74 -0.53
O23 YJI D . -31.87 20.92 4.25
O24 YJI D . -32.30 19.43 6.60
P05 YJI D . -28.96 15.51 7.77
S18 YJI D . -36.05 24.55 -2.28
H012 YJI D . -29.59 17.02 3.97
H013 YJI D . -31.18 17.53 3.39
H011 YJI D . -31.04 16.23 4.59
H032 YJI D . -30.29 18.31 7.49
H031 YJI D . -31.25 16.90 6.99
H091 YJI D . -32.84 18.04 5.18
H122 YJI D . -33.02 19.85 1.07
H121 YJI D . -32.75 21.23 2.16
H131 YJI D . -35.03 21.64 2.38
H132 YJI D . -35.49 20.03 1.89
H162 YJI D . -37.51 22.85 0.51
H161 YJI D . -36.11 23.70 1.18
H172 YJI D . -36.56 25.46 -0.11
H171 YJI D . -37.94 24.60 -0.80
H191 YJI D . -37.42 26.03 -3.59
H192 YJI D . -38.28 24.53 -3.18
H202 YJI D . -36.56 25.14 -5.52
H201 YJI D . -36.31 23.55 -4.79
H251 YJI D . -29.59 19.51 4.06
H253 YJI D . -28.73 19.05 5.54
H252 YJI D . -30.03 20.24 5.61
H111 YJI D . -33.55 18.51 3.07
H151 YJI D . -35.59 22.50 -1.35
H211 YJI D . -38.79 24.63 -5.63
H241 YJI D . -31.80 20.24 6.66
#